data_6RYF
#
_entry.id   6RYF
#
_cell.length_a   57.693
_cell.length_b   117.157
_cell.length_c   146.598
_cell.angle_alpha   90.00
_cell.angle_beta   90.00
_cell.angle_gamma   90.00
#
_symmetry.space_group_name_H-M   'P 2 21 21'
#
loop_
_entity.id
_entity.type
_entity.pdbx_description
1 polymer 'Endoplasmic reticulum aminopeptidase 1'
2 polymer PSE-ARG-ILE-GLN-ARG-ALA-PHE-VAL-THR-ILE
3 branched 2-acetamido-2-deoxy-beta-D-glucopyranose-(1-4)-2-acetamido-2-deoxy-beta-D-glucopyranose
4 non-polymer 'ZINC ION'
5 non-polymer 2-[3-(2-HYDROXY-1,1-DIHYDROXYMETHYL-ETHYLAMINO)-PROPYLAMINO]-2-HYDROXYMETHYL-PROPANE-1,3-DIOL
6 non-polymer 1,2-ETHANEDIOL
7 non-polymer 'SODIUM ION'
8 non-polymer 'PROPANOIC ACID'
9 non-polymer 2-acetamido-2-deoxy-beta-D-glucopyranose
10 water water
#
loop_
_entity_poly.entity_id
_entity_poly.type
_entity_poly.pdbx_seq_one_letter_code
_entity_poly.pdbx_strand_id
1 'polypeptide(L)'
;PFPWNKIRLPEYVIPVHYDLLIHANLTTLTFWGTTKVEITASQPTSTIILHSHHLQISRATLRKGAGERLSEEPLQVLEH
PRQEQIALLAPEPLLVGLPYTVVIHYAGNLSETFHGFYKSTYRTKEGELRILASTQFEPTAARMAFPCFDEPAFKASFSI
KIRREPRHLAISNMPLVKSVTVAEGLIEDHFDVTVKMSTYLVAFIISDFESVSKITKSGVKVSVYAVPDKINQADYALDA
AVTLLEFYEDYFSIPYPLPKQDLAAIPDFQSGAMENWGLTTYRESALLFDAEKSSASSKLGITMTVAHELAHQWFGNLVT
MEWWNDLWLNEGFAKFMEFVSVSVTHPELKVGDYFFGKCFDAMEVDALNSSHPVSTPVENPAQIREMFDDVSYDKGACIL
NMLREYLSADAFKSGIVQYLQKHSYKNTKNEDLWDSMASICPTDGVKGMDGFCSRSQHSSSSSHWHQEGVDVKTMMNTWT
LQKGFPLITITVRGRNVHMKQEHYMKGSDGAPDTGYLWHVPLTFITSKSDMVHRFLLKTKTDVLILPEEVEWIKFNVGMN
GYYIVHYEDDGWDSLTGLLKGTHTAVSSNDRASLINNAFQLVSIGKLSIEKALDLSLYLKHETEIMPVFQGLNELIPMYK
LMEKRDMNEVETQFKAFLIRLLRDLIDKQTWTDEGSVSERMLRSQLLLLACVHNYQPCVQRAEGYFRKWKESNGNLSLPV
DVTLAVFAVGAQSTEGWDFLYSKYQFSLSSTEKSQIEFALCRTQNKEKLQWLLDESFKGDKIKTQEFPQILTLIGRNPVG
YPLAWQFLRKNWNKLVQKFELGSSSIAHMVMGTTNQFSTRTRLEEVKGFFSSLKENGSQLRCVQQTIETIEENIGWMDKN
FDKIRVWLQSEKLR
;
A
2 'polypeptide(L)' (KF2)RIQRGPGRAFVTI G
#
# COMPACT_ATOMS: atom_id res chain seq x y z
N PRO A 1 -24.91 17.58 -28.49
CA PRO A 1 -24.94 18.67 -27.50
C PRO A 1 -25.30 18.16 -26.09
N PHE A 2 -24.27 17.81 -25.30
CA PHE A 2 -24.50 17.10 -24.03
C PHE A 2 -25.05 18.05 -22.97
N PRO A 3 -26.11 17.68 -22.26
CA PRO A 3 -26.81 18.61 -21.36
C PRO A 3 -26.22 18.73 -19.95
N TRP A 4 -25.07 18.11 -19.68
CA TRP A 4 -24.41 18.20 -18.38
C TRP A 4 -22.93 18.41 -18.62
N ASN A 5 -22.36 19.45 -18.02
CA ASN A 5 -20.97 19.81 -18.27
C ASN A 5 -20.10 19.71 -17.02
N LYS A 6 -20.49 18.90 -16.04
CA LYS A 6 -19.71 18.68 -14.82
C LYS A 6 -19.29 17.23 -14.70
N ILE A 7 -18.12 17.02 -14.11
CA ILE A 7 -17.65 15.67 -13.87
C ILE A 7 -18.47 15.00 -12.78
N ARG A 8 -18.78 15.73 -11.71
CA ARG A 8 -19.67 15.23 -10.67
C ARG A 8 -21.09 15.15 -11.18
N LEU A 9 -21.77 14.06 -10.82
CA LEU A 9 -23.14 13.84 -11.23
C LEU A 9 -24.06 14.90 -10.62
N PRO A 10 -25.18 15.17 -11.28
CA PRO A 10 -26.26 15.91 -10.60
C PRO A 10 -26.58 15.28 -9.26
N GLU A 11 -27.03 16.09 -8.33
CA GLU A 11 -27.33 15.60 -7.00
C GLU A 11 -28.79 15.25 -6.81
N TYR A 12 -29.67 15.58 -7.77
CA TYR A 12 -31.11 15.51 -7.56
C TYR A 12 -31.77 14.27 -8.13
N VAL A 13 -31.03 13.39 -8.81
CA VAL A 13 -31.54 12.09 -9.20
C VAL A 13 -30.76 11.05 -8.42
N ILE A 14 -31.48 10.22 -7.65
CA ILE A 14 -30.88 9.38 -6.62
C ILE A 14 -31.29 7.92 -6.84
N PRO A 15 -30.36 6.99 -6.97
CA PRO A 15 -30.73 5.57 -7.05
C PRO A 15 -31.07 5.01 -5.68
N VAL A 16 -31.95 3.99 -5.69
CA VAL A 16 -32.33 3.27 -4.49
C VAL A 16 -31.97 1.79 -4.56
N HIS A 17 -32.10 1.18 -5.73
CA HIS A 17 -31.88 -0.25 -5.86
C HIS A 17 -31.48 -0.56 -7.29
N TYR A 18 -30.52 -1.47 -7.44
CA TYR A 18 -30.11 -1.95 -8.76
C TYR A 18 -30.44 -3.42 -8.89
N ASP A 19 -30.97 -3.79 -10.04
CA ASP A 19 -31.02 -5.19 -10.44
C ASP A 19 -30.06 -5.36 -11.62
N LEU A 20 -29.04 -6.19 -11.42
CA LEU A 20 -27.98 -6.36 -12.40
C LEU A 20 -28.04 -7.77 -12.94
N LEU A 21 -28.23 -7.90 -14.25
CA LEU A 21 -28.09 -9.14 -14.97
C LEU A 21 -26.85 -9.04 -15.84
N ILE A 22 -25.93 -9.99 -15.67
CA ILE A 22 -24.68 -10.04 -16.42
C ILE A 22 -24.58 -11.42 -17.04
N HIS A 23 -24.37 -11.46 -18.35
CA HIS A 23 -24.12 -12.70 -19.10
C HIS A 23 -22.76 -12.53 -19.76
N ALA A 24 -21.74 -13.18 -19.21
CA ALA A 24 -20.39 -13.09 -19.76
C ALA A 24 -20.08 -14.35 -20.55
N ASN A 25 -19.29 -14.18 -21.61
CA ASN A 25 -18.83 -15.30 -22.41
C ASN A 25 -17.31 -15.37 -22.33
N LEU A 26 -16.81 -16.41 -21.68
CA LEU A 26 -15.37 -16.50 -21.45
C LEU A 26 -14.63 -17.09 -22.63
N THR A 27 -15.32 -17.38 -23.73
CA THR A 27 -14.70 -17.78 -24.99
C THR A 27 -14.56 -16.61 -25.95
N THR A 28 -15.65 -15.89 -26.20
CA THR A 28 -15.59 -14.69 -27.03
C THR A 28 -15.07 -13.48 -26.27
N LEU A 29 -15.01 -13.54 -24.94
CA LEU A 29 -14.51 -12.44 -24.09
C LEU A 29 -15.41 -11.20 -24.17
N THR A 30 -16.72 -11.43 -24.21
CA THR A 30 -17.72 -10.37 -24.29
C THR A 30 -18.72 -10.56 -23.17
N PHE A 31 -19.49 -9.51 -22.88
CA PHE A 31 -20.59 -9.69 -21.93
C PHE A 31 -21.75 -8.79 -22.31
N TRP A 32 -22.95 -9.23 -21.93
CA TRP A 32 -24.18 -8.49 -22.09
C TRP A 32 -24.75 -8.21 -20.71
N GLY A 33 -25.49 -7.11 -20.58
CA GLY A 33 -26.10 -6.76 -19.32
C GLY A 33 -27.45 -6.11 -19.50
N THR A 34 -28.30 -6.28 -18.49
CA THR A 34 -29.49 -5.45 -18.32
C THR A 34 -29.42 -4.86 -16.92
N THR A 35 -29.46 -3.53 -16.85
CA THR A 35 -29.42 -2.81 -15.58
C THR A 35 -30.76 -2.11 -15.38
N LYS A 36 -31.42 -2.40 -14.27
CA LYS A 36 -32.62 -1.69 -13.86
C LYS A 36 -32.31 -1.03 -12.53
N VAL A 37 -32.57 0.26 -12.42
CA VAL A 37 -32.20 1.01 -11.24
C VAL A 37 -33.43 1.79 -10.80
N GLU A 38 -33.93 1.46 -9.61
CA GLU A 38 -35.03 2.20 -9.02
C GLU A 38 -34.50 3.55 -8.52
N ILE A 39 -35.14 4.63 -8.97
CA ILE A 39 -34.70 5.98 -8.67
C ILE A 39 -35.89 6.81 -8.19
N THR A 40 -35.59 7.82 -7.38
CA THR A 40 -36.56 8.87 -7.06
C THR A 40 -35.83 10.20 -7.16
N ALA A 41 -36.54 11.22 -7.63
CA ALA A 41 -35.93 12.52 -7.91
C ALA A 41 -36.29 13.52 -6.83
N SER A 42 -35.27 14.22 -6.32
CA SER A 42 -35.46 15.25 -5.30
C SER A 42 -36.19 16.46 -5.87
N GLN A 43 -36.06 16.70 -7.16
CA GLN A 43 -36.64 17.87 -7.82
C GLN A 43 -36.94 17.50 -9.26
N PRO A 44 -37.92 18.16 -9.89
CA PRO A 44 -38.31 17.74 -11.24
C PRO A 44 -37.17 17.96 -12.23
N THR A 45 -37.04 17.01 -13.15
CA THR A 45 -36.05 17.04 -14.21
C THR A 45 -36.54 16.12 -15.31
N SER A 46 -36.07 16.36 -16.53
CA SER A 46 -36.38 15.48 -17.65
C SER A 46 -35.18 14.69 -18.12
N THR A 47 -34.00 14.95 -17.58
CA THR A 47 -32.75 14.32 -17.97
C THR A 47 -32.21 13.52 -16.80
N ILE A 48 -31.68 12.33 -17.07
CA ILE A 48 -30.98 11.54 -16.08
C ILE A 48 -29.54 11.33 -16.56
N ILE A 49 -28.58 11.79 -15.77
CA ILE A 49 -27.17 11.62 -16.05
C ILE A 49 -26.65 10.49 -15.18
N LEU A 50 -25.90 9.56 -15.78
CA LEU A 50 -25.18 8.58 -14.98
C LEU A 50 -23.90 8.19 -15.70
N HIS A 51 -23.13 7.28 -15.09
CA HIS A 51 -21.83 6.90 -15.59
C HIS A 51 -21.93 5.67 -16.48
N SER A 52 -21.13 5.66 -17.55
CA SER A 52 -20.96 4.48 -18.38
C SER A 52 -19.67 4.70 -19.16
N HIS A 53 -18.83 3.68 -19.22
CA HIS A 53 -17.50 3.81 -19.81
C HIS A 53 -17.22 2.55 -20.62
N HIS A 54 -17.06 2.71 -21.93
CA HIS A 54 -16.77 1.59 -22.84
C HIS A 54 -17.88 0.55 -22.83
N LEU A 55 -19.11 1.00 -22.67
CA LEU A 55 -20.29 0.14 -22.75
C LEU A 55 -21.14 0.59 -23.92
N GLN A 56 -21.49 -0.35 -24.80
CA GLN A 56 -22.34 -0.04 -25.94
C GLN A 56 -23.80 -0.15 -25.51
N ILE A 57 -24.50 0.98 -25.48
CA ILE A 57 -25.87 1.05 -24.98
C ILE A 57 -26.81 0.77 -26.15
N SER A 58 -27.49 -0.39 -26.10
CA SER A 58 -28.40 -0.71 -27.18
C SER A 58 -29.77 -0.08 -27.00
N ARG A 59 -30.26 0.00 -25.77
CA ARG A 59 -31.58 0.58 -25.56
C ARG A 59 -31.76 0.98 -24.10
N ALA A 60 -32.57 2.00 -23.89
CA ALA A 60 -32.85 2.53 -22.57
C ALA A 60 -34.31 2.97 -22.51
N THR A 61 -35.00 2.56 -21.45
CA THR A 61 -36.41 2.86 -21.30
C THR A 61 -36.66 3.29 -19.86
N LEU A 62 -37.79 3.98 -19.65
CA LEU A 62 -38.17 4.48 -18.35
C LEU A 62 -39.54 3.93 -17.97
N ARG A 63 -39.63 3.32 -16.79
CA ARG A 63 -40.83 2.66 -16.34
C ARG A 63 -41.37 3.38 -15.11
N LYS A 64 -42.64 3.75 -15.15
CA LYS A 64 -43.28 4.46 -14.05
C LYS A 64 -44.12 3.51 -13.21
N ARG A 69 -48.64 -0.53 -11.55
CA ARG A 69 -49.38 -1.51 -12.35
C ARG A 69 -49.40 -1.05 -13.81
N LEU A 70 -48.43 -0.21 -14.16
CA LEU A 70 -48.59 0.66 -15.33
C LEU A 70 -47.23 0.98 -15.98
N SER A 71 -47.31 1.20 -17.30
CA SER A 71 -46.52 2.19 -18.06
C SER A 71 -45.00 2.04 -18.17
N GLU A 72 -44.50 2.26 -19.39
CA GLU A 72 -43.10 2.16 -19.77
C GLU A 72 -42.88 2.93 -21.08
N GLU A 73 -41.79 3.69 -21.18
CA GLU A 73 -41.58 4.52 -22.36
C GLU A 73 -40.10 4.63 -22.66
N PRO A 74 -39.74 4.93 -23.91
CA PRO A 74 -38.33 4.94 -24.30
C PRO A 74 -37.61 6.23 -23.93
N LEU A 75 -36.30 6.11 -23.81
CA LEU A 75 -35.43 7.23 -23.46
C LEU A 75 -34.37 7.39 -24.53
N GLN A 76 -34.14 8.62 -24.96
CA GLN A 76 -33.05 8.92 -25.88
C GLN A 76 -31.74 8.91 -25.13
N VAL A 77 -30.69 8.44 -25.80
CA VAL A 77 -29.39 8.18 -25.18
C VAL A 77 -28.35 9.07 -25.85
N LEU A 78 -27.68 9.89 -25.06
CA LEU A 78 -26.47 10.57 -25.52
C LEU A 78 -25.31 10.24 -24.60
N GLU A 79 -24.11 10.34 -25.14
CA GLU A 79 -22.90 9.97 -24.43
C GLU A 79 -21.90 11.11 -24.48
N HIS A 80 -21.12 11.22 -23.40
CA HIS A 80 -19.97 12.12 -23.35
C HIS A 80 -18.79 11.30 -22.85
N PRO A 81 -18.02 10.67 -23.76
CA PRO A 81 -17.01 9.70 -23.30
C PRO A 81 -15.97 10.29 -22.37
N ARG A 82 -15.56 11.55 -22.55
CA ARG A 82 -14.52 12.09 -21.67
C ARG A 82 -15.05 12.29 -20.25
N GLN A 83 -16.30 12.74 -20.12
CA GLN A 83 -16.91 12.79 -18.78
C GLN A 83 -17.32 11.41 -18.29
N GLU A 84 -17.20 10.38 -19.12
CA GLU A 84 -17.58 9.02 -18.77
C GLU A 84 -19.05 8.93 -18.36
N GLN A 85 -19.88 9.75 -19.00
CA GLN A 85 -21.29 9.84 -18.67
C GLN A 85 -22.15 9.53 -19.88
N ILE A 86 -23.38 9.17 -19.62
CA ILE A 86 -24.42 9.15 -20.64
C ILE A 86 -25.61 9.93 -20.11
N ALA A 87 -26.40 10.46 -21.05
CA ALA A 87 -27.60 11.21 -20.71
C ALA A 87 -28.80 10.50 -21.29
N LEU A 88 -29.80 10.29 -20.46
CA LEU A 88 -31.07 9.69 -20.87
C LEU A 88 -32.12 10.78 -20.87
N LEU A 89 -32.66 11.10 -22.03
CA LEU A 89 -33.64 12.18 -22.19
C LEU A 89 -35.03 11.58 -22.18
N ALA A 90 -35.86 12.01 -21.22
CA ALA A 90 -37.21 11.52 -21.09
C ALA A 90 -38.18 12.42 -21.86
N PRO A 91 -39.30 11.86 -22.35
CA PRO A 91 -40.23 12.69 -23.12
C PRO A 91 -40.99 13.67 -22.24
N GLU A 92 -41.37 13.26 -21.03
CA GLU A 92 -42.00 14.13 -20.07
C GLU A 92 -41.06 14.41 -18.91
N PRO A 93 -41.01 15.64 -18.41
CA PRO A 93 -40.24 15.91 -17.20
C PRO A 93 -40.61 14.92 -16.11
N LEU A 94 -39.60 14.41 -15.41
CA LEU A 94 -39.86 13.50 -14.32
C LEU A 94 -40.56 14.23 -13.18
N LEU A 95 -41.30 13.48 -12.38
CA LEU A 95 -42.15 14.01 -11.32
C LEU A 95 -41.48 13.76 -9.97
N VAL A 96 -41.42 14.79 -9.12
CA VAL A 96 -40.65 14.74 -7.88
C VAL A 96 -41.24 13.72 -6.92
N GLY A 97 -40.39 12.89 -6.32
CA GLY A 97 -40.79 11.96 -5.29
C GLY A 97 -41.46 10.70 -5.78
N LEU A 98 -41.72 10.58 -7.08
CA LEU A 98 -42.37 9.34 -7.51
C LEU A 98 -41.30 8.32 -7.91
N PRO A 99 -41.46 7.05 -7.51
CA PRO A 99 -40.47 6.04 -7.86
C PRO A 99 -40.55 5.69 -9.34
N TYR A 100 -39.40 5.75 -10.01
CA TYR A 100 -39.24 5.31 -11.38
C TYR A 100 -38.26 4.15 -11.43
N THR A 101 -38.21 3.49 -12.60
CA THR A 101 -37.22 2.44 -12.84
C THR A 101 -36.63 2.66 -14.23
N VAL A 102 -35.30 2.82 -14.29
CA VAL A 102 -34.57 2.98 -15.54
C VAL A 102 -34.04 1.61 -15.95
N VAL A 103 -34.35 1.19 -17.17
CA VAL A 103 -33.90 -0.11 -17.69
C VAL A 103 -32.95 0.12 -18.86
N ILE A 104 -31.73 -0.37 -18.73
CA ILE A 104 -30.68 -0.18 -19.73
C ILE A 104 -30.17 -1.54 -20.17
N HIS A 105 -30.16 -1.78 -21.47
CA HIS A 105 -29.53 -2.95 -22.07
C HIS A 105 -28.26 -2.53 -22.78
N TYR A 106 -27.19 -3.32 -22.64
CA TYR A 106 -25.89 -2.88 -23.11
C TYR A 106 -25.00 -4.09 -23.34
N ALA A 107 -23.84 -3.83 -23.94
CA ALA A 107 -22.85 -4.86 -24.24
C ALA A 107 -21.46 -4.30 -24.04
N GLY A 108 -20.52 -5.20 -23.72
CA GLY A 108 -19.14 -4.79 -23.52
C GLY A 108 -18.21 -5.92 -23.86
N ASN A 109 -16.92 -5.60 -23.90
CA ASN A 109 -15.84 -6.55 -24.03
C ASN A 109 -15.18 -6.72 -22.67
N LEU A 110 -14.89 -7.95 -22.27
CA LEU A 110 -14.12 -8.13 -21.05
C LEU A 110 -12.87 -7.26 -21.12
N SER A 111 -12.55 -6.58 -20.02
CA SER A 111 -11.41 -5.70 -20.04
C SER A 111 -10.12 -6.52 -20.11
N GLU A 112 -9.13 -5.99 -20.81
CA GLU A 112 -7.80 -6.61 -20.84
C GLU A 112 -6.82 -5.92 -19.89
N THR A 113 -7.31 -5.01 -19.05
CA THR A 113 -6.51 -4.42 -17.99
C THR A 113 -6.77 -5.20 -16.70
N PHE A 114 -6.48 -4.59 -15.56
CA PHE A 114 -6.75 -5.19 -14.25
C PHE A 114 -7.94 -4.51 -13.55
N HIS A 115 -8.77 -3.78 -14.29
CA HIS A 115 -9.90 -3.10 -13.65
C HIS A 115 -11.14 -3.30 -14.50
N GLY A 116 -12.29 -2.93 -13.90
CA GLY A 116 -13.53 -3.23 -14.57
C GLY A 116 -13.84 -4.70 -14.40
N PHE A 117 -14.53 -5.26 -15.40
CA PHE A 117 -14.87 -6.68 -15.47
C PHE A 117 -13.84 -7.29 -16.41
N TYR A 118 -12.82 -7.96 -15.85
CA TYR A 118 -11.61 -8.22 -16.61
C TYR A 118 -11.27 -9.71 -16.69
N LYS A 119 -10.50 -10.04 -17.72
CA LYS A 119 -10.07 -11.41 -17.97
C LYS A 119 -8.83 -11.75 -17.15
N SER A 120 -8.84 -12.93 -16.53
CA SER A 120 -7.66 -13.43 -15.85
C SER A 120 -7.41 -14.85 -16.35
N THR A 121 -6.15 -15.28 -16.37
CA THR A 121 -5.85 -16.61 -16.87
C THR A 121 -4.79 -17.27 -16.00
N TYR A 122 -4.69 -18.59 -16.16
CA TYR A 122 -3.66 -19.35 -15.48
C TYR A 122 -3.51 -20.67 -16.22
N ARG A 123 -2.42 -21.37 -15.95
CA ARG A 123 -2.14 -22.66 -16.55
C ARG A 123 -2.23 -23.74 -15.50
N THR A 124 -2.97 -24.81 -15.81
CA THR A 124 -2.99 -25.96 -14.93
C THR A 124 -1.62 -26.62 -14.89
N LYS A 125 -1.34 -27.34 -13.81
CA LYS A 125 -0.03 -27.97 -13.71
C LYS A 125 0.22 -29.00 -14.82
N GLU A 126 -0.70 -29.20 -15.76
CA GLU A 126 -0.43 -30.00 -16.95
C GLU A 126 -0.09 -29.15 -18.17
N GLY A 127 -0.37 -27.86 -18.14
CA GLY A 127 -0.09 -26.99 -19.27
C GLY A 127 -1.32 -26.40 -19.93
N GLU A 128 -2.51 -26.71 -19.43
CA GLU A 128 -3.73 -26.21 -20.03
C GLU A 128 -4.01 -24.78 -19.58
N LEU A 129 -4.27 -23.90 -20.55
CA LEU A 129 -4.67 -22.52 -20.25
C LEU A 129 -6.14 -22.47 -19.86
N ARG A 130 -6.46 -21.76 -18.77
CA ARG A 130 -7.81 -21.62 -18.29
C ARG A 130 -8.14 -20.15 -18.14
N ILE A 131 -9.39 -19.77 -18.43
CA ILE A 131 -9.81 -18.38 -18.42
C ILE A 131 -10.86 -18.18 -17.34
N LEU A 132 -10.76 -17.07 -16.62
CA LEU A 132 -11.79 -16.67 -15.66
C LEU A 132 -12.08 -15.19 -15.86
N ALA A 133 -13.16 -14.72 -15.24
CA ALA A 133 -13.53 -13.31 -15.31
C ALA A 133 -13.76 -12.81 -13.89
N SER A 134 -13.22 -11.65 -13.56
CA SER A 134 -13.29 -11.10 -12.21
C SER A 134 -13.51 -9.59 -12.32
N THR A 135 -13.77 -8.96 -11.17
CA THR A 135 -14.02 -7.53 -11.14
C THR A 135 -13.03 -6.81 -10.23
N GLN A 136 -12.73 -5.56 -10.59
CA GLN A 136 -12.08 -4.64 -9.68
C GLN A 136 -12.65 -3.27 -10.03
N PHE A 137 -13.44 -2.71 -9.13
CA PHE A 137 -14.16 -1.48 -9.43
C PHE A 137 -13.63 -0.25 -8.71
N GLU A 138 -13.03 -0.39 -7.54
CA GLU A 138 -12.60 0.82 -6.83
C GLU A 138 -11.42 1.45 -7.57
N PRO A 139 -11.42 2.78 -7.79
CA PRO A 139 -12.50 3.71 -7.39
C PRO A 139 -13.61 3.93 -8.41
N THR A 140 -13.30 4.02 -9.70
CA THR A 140 -14.32 4.51 -10.64
C THR A 140 -14.58 3.53 -11.79
N ALA A 141 -14.40 2.23 -11.59
CA ALA A 141 -14.53 1.29 -12.69
C ALA A 141 -15.83 0.49 -12.72
N ALA A 142 -16.71 0.61 -11.71
CA ALA A 142 -18.00 -0.06 -11.81
C ALA A 142 -18.73 0.34 -13.08
N ARG A 143 -18.56 1.58 -13.51
CA ARG A 143 -19.21 2.11 -14.71
C ARG A 143 -18.74 1.41 -15.98
N MET A 144 -17.68 0.62 -15.91
CA MET A 144 -17.23 -0.19 -17.03
C MET A 144 -17.91 -1.54 -17.08
N ALA A 145 -18.67 -1.90 -16.05
CA ALA A 145 -19.37 -3.17 -15.99
C ALA A 145 -20.88 -3.02 -16.04
N PHE A 146 -21.42 -1.91 -15.52
CA PHE A 146 -22.83 -1.61 -15.66
C PHE A 146 -22.99 -0.10 -15.55
N PRO A 147 -23.97 0.48 -16.22
CA PRO A 147 -24.22 1.91 -16.03
C PRO A 147 -24.78 2.17 -14.63
N CYS A 148 -24.24 3.21 -13.99
CA CYS A 148 -24.49 3.42 -12.56
C CYS A 148 -24.28 4.89 -12.23
N PHE A 149 -24.86 5.27 -11.09
CA PHE A 149 -24.47 6.54 -10.44
C PHE A 149 -23.20 6.24 -9.66
N ASP A 150 -22.06 6.36 -10.34
CA ASP A 150 -20.80 5.77 -9.87
C ASP A 150 -19.99 6.75 -9.04
N GLU A 151 -20.60 7.19 -7.94
CA GLU A 151 -19.95 7.96 -6.90
C GLU A 151 -20.31 7.36 -5.55
N PRO A 152 -19.38 7.33 -4.59
CA PRO A 152 -19.59 6.48 -3.40
C PRO A 152 -20.69 6.96 -2.48
N ALA A 153 -21.20 8.18 -2.62
CA ALA A 153 -22.32 8.64 -1.80
C ALA A 153 -23.69 8.21 -2.33
N PHE A 154 -23.76 7.70 -3.57
CA PHE A 154 -25.01 7.22 -4.14
C PHE A 154 -25.25 5.75 -3.78
N LYS A 155 -25.41 5.49 -2.49
CA LYS A 155 -25.52 4.11 -2.03
C LYS A 155 -26.86 3.51 -2.43
N ALA A 156 -26.86 2.20 -2.62
CA ALA A 156 -28.07 1.47 -3.02
C ALA A 156 -27.88 0.00 -2.67
N SER A 157 -28.98 -0.76 -2.77
CA SER A 157 -28.91 -2.20 -2.69
C SER A 157 -28.76 -2.78 -4.09
N PHE A 158 -28.17 -3.97 -4.17
CA PHE A 158 -27.84 -4.59 -5.45
C PHE A 158 -28.32 -6.03 -5.46
N SER A 159 -29.15 -6.38 -6.44
CA SER A 159 -29.56 -7.75 -6.71
C SER A 159 -28.85 -8.21 -7.99
N ILE A 160 -27.94 -9.16 -7.85
CA ILE A 160 -27.06 -9.55 -8.95
C ILE A 160 -27.47 -10.92 -9.44
N LYS A 161 -27.58 -11.05 -10.77
CA LYS A 161 -27.81 -12.33 -11.45
C LYS A 161 -26.70 -12.54 -12.46
N ILE A 162 -26.12 -13.75 -12.50
CA ILE A 162 -25.03 -14.07 -13.40
C ILE A 162 -25.46 -15.25 -14.26
N ARG A 163 -25.33 -15.12 -15.57
CA ARG A 163 -25.59 -16.23 -16.49
C ARG A 163 -24.25 -16.83 -16.89
N ARG A 164 -24.16 -18.15 -16.85
CA ARG A 164 -22.86 -18.78 -17.09
C ARG A 164 -23.08 -20.22 -17.52
N GLU A 165 -22.00 -20.82 -18.02
CA GLU A 165 -21.98 -22.22 -18.42
C GLU A 165 -21.94 -23.14 -17.20
N PRO A 166 -22.50 -24.36 -17.33
CA PRO A 166 -22.51 -25.28 -16.18
C PRO A 166 -21.13 -25.57 -15.62
N ARG A 167 -20.09 -25.55 -16.44
CA ARG A 167 -18.73 -25.85 -16.00
C ARG A 167 -18.15 -24.77 -15.11
N HIS A 168 -18.75 -23.58 -15.06
CA HIS A 168 -18.20 -22.49 -14.28
C HIS A 168 -18.96 -22.30 -12.98
N LEU A 169 -18.25 -21.78 -11.99
CA LEU A 169 -18.82 -21.33 -10.73
C LEU A 169 -18.88 -19.81 -10.73
N ALA A 170 -19.98 -19.26 -10.25
CA ALA A 170 -20.11 -17.82 -10.02
C ALA A 170 -20.26 -17.54 -8.54
N ILE A 171 -19.55 -16.51 -8.07
CA ILE A 171 -19.74 -15.99 -6.72
C ILE A 171 -19.82 -14.47 -6.80
N SER A 172 -20.43 -13.88 -5.79
CA SER A 172 -20.62 -12.42 -5.75
C SER A 172 -20.65 -11.99 -4.28
N ASN A 173 -21.17 -10.78 -4.03
CA ASN A 173 -21.13 -10.26 -2.67
C ASN A 173 -21.92 -11.14 -1.71
N MET A 174 -23.12 -11.56 -2.10
CA MET A 174 -24.05 -12.25 -1.23
C MET A 174 -24.12 -13.73 -1.57
N PRO A 175 -24.77 -14.53 -0.72
CA PRO A 175 -24.90 -15.96 -1.01
C PRO A 175 -25.74 -16.21 -2.26
N LEU A 176 -25.43 -17.34 -2.90
CA LEU A 176 -26.27 -17.83 -3.99
C LEU A 176 -27.58 -18.37 -3.43
N VAL A 177 -28.70 -17.82 -3.90
CA VAL A 177 -30.02 -18.26 -3.41
C VAL A 177 -30.76 -19.15 -4.40
N LYS A 178 -30.36 -19.17 -5.67
CA LYS A 178 -31.08 -19.99 -6.65
C LYS A 178 -30.28 -20.05 -7.95
N SER A 179 -30.30 -21.21 -8.59
CA SER A 179 -29.74 -21.38 -9.93
C SER A 179 -30.83 -21.96 -10.81
N VAL A 180 -31.04 -21.34 -11.97
CA VAL A 180 -32.08 -21.78 -12.90
C VAL A 180 -31.46 -21.97 -14.28
N THR A 181 -31.64 -23.16 -14.84
CA THR A 181 -31.27 -23.41 -16.23
C THR A 181 -32.20 -22.60 -17.15
N VAL A 182 -31.62 -21.71 -17.96
CA VAL A 182 -32.43 -20.80 -18.77
C VAL A 182 -32.43 -21.24 -20.22
N ALA A 183 -31.31 -21.79 -20.68
CA ALA A 183 -31.22 -22.34 -22.03
C ALA A 183 -30.28 -23.54 -21.98
N GLU A 184 -30.14 -24.20 -23.13
CA GLU A 184 -29.21 -25.32 -23.21
C GLU A 184 -27.80 -24.82 -22.92
N GLY A 185 -27.19 -25.35 -21.87
CA GLY A 185 -25.85 -24.92 -21.51
C GLY A 185 -25.75 -23.56 -20.89
N LEU A 186 -26.85 -22.98 -20.42
CA LEU A 186 -26.81 -21.67 -19.76
C LEU A 186 -27.61 -21.72 -18.47
N ILE A 187 -26.97 -21.38 -17.36
CA ILE A 187 -27.57 -21.36 -16.04
C ILE A 187 -27.56 -19.93 -15.53
N GLU A 188 -28.63 -19.52 -14.85
CA GLU A 188 -28.72 -18.19 -14.27
C GLU A 188 -28.66 -18.29 -12.75
N ASP A 189 -27.63 -17.69 -12.16
CA ASP A 189 -27.44 -17.65 -10.71
C ASP A 189 -28.06 -16.37 -10.16
N HIS A 190 -28.89 -16.52 -9.13
CA HIS A 190 -29.45 -15.40 -8.40
C HIS A 190 -28.74 -15.31 -7.05
N PHE A 191 -28.16 -14.15 -6.77
CA PHE A 191 -27.59 -13.88 -5.47
C PHE A 191 -28.50 -12.96 -4.66
N ASP A 192 -28.44 -13.11 -3.35
CA ASP A 192 -29.33 -12.35 -2.48
C ASP A 192 -29.00 -10.86 -2.55
N VAL A 193 -30.01 -10.04 -2.24
CA VAL A 193 -29.85 -8.59 -2.32
C VAL A 193 -28.83 -8.12 -1.29
N THR A 194 -27.97 -7.18 -1.68
CA THR A 194 -27.00 -6.66 -0.73
C THR A 194 -27.68 -5.67 0.22
N VAL A 195 -26.96 -5.34 1.29
CA VAL A 195 -27.29 -4.18 2.10
C VAL A 195 -26.98 -2.96 1.27
N LYS A 196 -27.41 -1.78 1.73
CA LYS A 196 -27.06 -0.54 1.06
C LYS A 196 -25.56 -0.35 1.06
N MET A 197 -25.00 -0.03 -0.11
CA MET A 197 -23.55 0.10 -0.25
C MET A 197 -23.24 0.86 -1.54
N SER A 198 -21.97 1.27 -1.65
CA SER A 198 -21.49 1.99 -2.82
C SER A 198 -21.26 1.06 -4.01
N THR A 199 -21.33 1.63 -5.22
CA THR A 199 -21.13 0.83 -6.43
C THR A 199 -19.74 0.24 -6.52
N TYR A 200 -18.70 0.86 -5.91
CA TYR A 200 -17.35 0.32 -6.08
C TYR A 200 -17.14 -0.99 -5.33
N LEU A 201 -18.07 -1.39 -4.48
CA LEU A 201 -17.97 -2.62 -3.73
C LEU A 201 -18.62 -3.81 -4.41
N VAL A 202 -19.42 -3.59 -5.47
CA VAL A 202 -19.99 -4.69 -6.22
C VAL A 202 -18.87 -5.59 -6.77
N ALA A 203 -19.08 -6.90 -6.70
CA ALA A 203 -18.07 -7.85 -7.16
C ALA A 203 -18.72 -9.13 -7.67
N PHE A 204 -18.09 -9.74 -8.67
CA PHE A 204 -18.53 -11.07 -9.08
C PHE A 204 -17.39 -11.72 -9.85
N ILE A 205 -17.36 -13.04 -9.79
CA ILE A 205 -16.25 -13.82 -10.34
C ILE A 205 -16.82 -15.06 -10.97
N ILE A 206 -16.40 -15.34 -12.20
CA ILE A 206 -16.78 -16.56 -12.92
C ILE A 206 -15.48 -17.35 -13.16
N SER A 207 -15.38 -18.54 -12.56
CA SER A 207 -14.11 -19.26 -12.47
C SER A 207 -14.38 -20.75 -12.35
N ASP A 208 -13.29 -21.51 -12.16
CA ASP A 208 -13.41 -22.88 -11.68
C ASP A 208 -12.69 -23.04 -10.34
N PHE A 209 -12.72 -21.99 -9.53
CA PHE A 209 -12.10 -22.01 -8.22
C PHE A 209 -12.66 -23.14 -7.36
N GLU A 210 -11.82 -23.60 -6.44
CA GLU A 210 -12.25 -24.46 -5.33
C GLU A 210 -12.18 -23.66 -4.03
N SER A 211 -12.72 -24.24 -2.96
CA SER A 211 -12.79 -23.44 -1.73
C SER A 211 -12.66 -24.34 -0.50
N VAL A 212 -12.32 -23.72 0.61
CA VAL A 212 -12.39 -24.31 1.95
C VAL A 212 -13.09 -23.30 2.85
N SER A 213 -13.82 -23.78 3.86
CA SER A 213 -14.61 -22.87 4.67
CA SER A 213 -14.67 -22.92 4.67
C SER A 213 -14.56 -23.27 6.14
N LYS A 214 -14.88 -22.28 6.97
CA LYS A 214 -14.97 -22.40 8.42
C LYS A 214 -16.03 -21.40 8.90
N ILE A 215 -16.73 -21.73 10.00
CA ILE A 215 -17.81 -20.87 10.51
C ILE A 215 -17.32 -20.09 11.72
N THR A 216 -17.64 -18.79 11.76
CA THR A 216 -17.32 -18.00 12.93
C THR A 216 -18.24 -18.36 14.08
N LYS A 217 -17.87 -17.91 15.27
CA LYS A 217 -18.74 -18.12 16.41
C LYS A 217 -20.05 -17.35 16.27
N SER A 218 -20.10 -16.34 15.40
CA SER A 218 -21.33 -15.60 15.15
C SER A 218 -22.16 -16.18 14.00
N GLY A 219 -21.73 -17.29 13.42
CA GLY A 219 -22.51 -17.92 12.38
C GLY A 219 -22.17 -17.51 10.97
N VAL A 220 -21.12 -16.70 10.78
CA VAL A 220 -20.70 -16.30 9.43
C VAL A 220 -19.85 -17.41 8.82
N LYS A 221 -20.20 -17.81 7.59
CA LYS A 221 -19.41 -18.80 6.85
C LYS A 221 -18.31 -18.08 6.09
N VAL A 222 -17.06 -18.36 6.47
CA VAL A 222 -15.89 -17.76 5.84
C VAL A 222 -15.30 -18.79 4.90
N SER A 223 -15.00 -18.37 3.67
CA SER A 223 -14.43 -19.26 2.67
C SER A 223 -13.24 -18.60 1.99
N VAL A 224 -12.24 -19.41 1.65
CA VAL A 224 -11.16 -19.01 0.76
C VAL A 224 -11.33 -19.78 -0.54
N TYR A 225 -11.29 -19.06 -1.65
CA TYR A 225 -11.36 -19.62 -3.00
C TYR A 225 -10.00 -19.47 -3.67
N ALA A 226 -9.60 -20.46 -4.45
CA ALA A 226 -8.37 -20.40 -5.22
C ALA A 226 -8.45 -21.43 -6.35
N VAL A 227 -7.52 -21.30 -7.29
CA VAL A 227 -7.48 -22.26 -8.39
C VAL A 227 -7.26 -23.65 -7.77
N PRO A 228 -7.76 -24.70 -8.41
CA PRO A 228 -7.63 -26.05 -7.83
C PRO A 228 -6.22 -26.44 -7.43
N ASP A 229 -5.21 -26.07 -8.23
CA ASP A 229 -3.83 -26.44 -7.92
C ASP A 229 -3.27 -25.71 -6.69
N LYS A 230 -3.97 -24.73 -6.16
CA LYS A 230 -3.42 -23.97 -5.05
C LYS A 230 -4.32 -23.95 -3.82
N ILE A 231 -5.48 -24.60 -3.87
CA ILE A 231 -6.40 -24.49 -2.74
C ILE A 231 -5.81 -25.11 -1.49
N ASN A 232 -4.85 -26.04 -1.61
CA ASN A 232 -4.21 -26.57 -0.40
C ASN A 232 -3.28 -25.57 0.27
N GLN A 233 -3.18 -24.33 -0.22
CA GLN A 233 -2.44 -23.28 0.45
C GLN A 233 -3.35 -22.28 1.16
N ALA A 234 -4.63 -22.58 1.30
CA ALA A 234 -5.60 -21.61 1.78
C ALA A 234 -5.83 -21.67 3.30
N ASP A 235 -5.24 -22.65 3.99
CA ASP A 235 -5.62 -22.90 5.38
C ASP A 235 -5.21 -21.76 6.29
N TYR A 236 -4.03 -21.18 6.08
CA TYR A 236 -3.59 -20.13 6.99
C TYR A 236 -4.50 -18.91 6.92
N ALA A 237 -4.79 -18.46 5.69
CA ALA A 237 -5.64 -17.29 5.52
C ALA A 237 -7.05 -17.55 6.04
N LEU A 238 -7.57 -18.76 5.83
CA LEU A 238 -8.90 -19.10 6.34
C LEU A 238 -8.94 -18.96 7.87
N ASP A 239 -7.95 -19.52 8.56
CA ASP A 239 -7.93 -19.46 10.02
C ASP A 239 -7.75 -18.01 10.51
N ALA A 240 -6.90 -17.24 9.83
CA ALA A 240 -6.68 -15.85 10.22
C ALA A 240 -7.93 -15.01 9.99
N ALA A 241 -8.64 -15.24 8.88
CA ALA A 241 -9.85 -14.48 8.60
C ALA A 241 -10.94 -14.74 9.63
N VAL A 242 -11.13 -15.99 10.05
CA VAL A 242 -12.14 -16.28 11.06
C VAL A 242 -11.78 -15.59 12.37
N THR A 243 -10.52 -15.68 12.77
CA THR A 243 -10.09 -15.05 14.01
C THR A 243 -10.22 -13.53 13.94
N LEU A 244 -9.83 -12.94 12.80
CA LEU A 244 -9.87 -11.49 12.71
C LEU A 244 -11.30 -10.97 12.58
N LEU A 245 -12.14 -11.68 11.83
CA LEU A 245 -13.54 -11.26 11.75
C LEU A 245 -14.17 -11.27 13.13
N GLU A 246 -13.97 -12.35 13.89
CA GLU A 246 -14.47 -12.42 15.25
C GLU A 246 -13.91 -11.31 16.11
N PHE A 247 -12.62 -10.96 15.91
CA PHE A 247 -12.04 -9.88 16.70
C PHE A 247 -12.77 -8.57 16.42
N TYR A 248 -12.97 -8.24 15.15
CA TYR A 248 -13.58 -6.95 14.83
C TYR A 248 -15.02 -6.89 15.31
N GLU A 249 -15.78 -7.97 15.16
CA GLU A 249 -17.15 -8.00 15.65
C GLU A 249 -17.19 -7.72 17.15
N ASP A 250 -16.25 -8.29 17.91
CA ASP A 250 -16.22 -8.10 19.36
C ASP A 250 -15.66 -6.73 19.71
N TYR A 251 -14.68 -6.26 18.94
CA TYR A 251 -14.08 -4.95 19.21
C TYR A 251 -15.07 -3.82 18.97
N PHE A 252 -15.72 -3.81 17.81
CA PHE A 252 -16.64 -2.74 17.45
C PHE A 252 -18.01 -2.90 18.09
N SER A 253 -18.34 -4.11 18.57
CA SER A 253 -19.69 -4.43 19.03
C SER A 253 -20.74 -4.12 17.97
N ILE A 254 -20.34 -4.20 16.70
CA ILE A 254 -21.23 -4.07 15.55
C ILE A 254 -21.03 -5.32 14.71
N PRO A 255 -22.01 -6.21 14.63
CA PRO A 255 -21.81 -7.47 13.91
C PRO A 255 -21.53 -7.25 12.43
N TYR A 256 -20.77 -8.18 11.86
CA TYR A 256 -20.71 -8.30 10.41
C TYR A 256 -22.11 -8.65 9.89
N PRO A 257 -22.68 -7.88 8.97
CA PRO A 257 -24.10 -8.00 8.63
C PRO A 257 -24.45 -8.99 7.53
N LEU A 258 -23.48 -9.66 6.90
CA LEU A 258 -23.78 -10.58 5.81
C LEU A 258 -23.65 -12.04 6.26
N PRO A 259 -24.32 -12.97 5.60
CA PRO A 259 -24.22 -14.37 6.01
C PRO A 259 -22.86 -15.00 5.76
N LYS A 260 -22.07 -14.49 4.83
CA LYS A 260 -20.81 -15.14 4.50
C LYS A 260 -19.78 -14.09 4.12
N GLN A 261 -18.51 -14.47 4.26
CA GLN A 261 -17.37 -13.67 3.79
C GLN A 261 -16.46 -14.57 2.97
N ASP A 262 -16.21 -14.18 1.72
CA ASP A 262 -15.31 -14.91 0.85
C ASP A 262 -14.02 -14.13 0.68
N LEU A 263 -12.91 -14.86 0.62
CA LEU A 263 -11.59 -14.35 0.27
C LEU A 263 -11.12 -15.11 -0.95
N ALA A 264 -10.96 -14.41 -2.08
CA ALA A 264 -10.70 -15.05 -3.35
C ALA A 264 -9.32 -14.65 -3.87
N ALA A 265 -8.52 -15.65 -4.23
CA ALA A 265 -7.16 -15.44 -4.73
C ALA A 265 -7.21 -15.46 -6.25
N ILE A 266 -6.99 -14.29 -6.85
CA ILE A 266 -7.18 -14.09 -8.29
C ILE A 266 -5.83 -14.24 -8.99
N PRO A 267 -5.73 -15.04 -10.06
CA PRO A 267 -4.42 -15.21 -10.71
C PRO A 267 -3.83 -13.94 -11.30
N ASP A 268 -4.64 -12.96 -11.71
CA ASP A 268 -4.13 -11.66 -12.14
C ASP A 268 -4.83 -10.57 -11.33
N PHE A 269 -4.03 -9.75 -10.66
CA PHE A 269 -4.59 -8.75 -9.75
C PHE A 269 -3.59 -7.60 -9.66
N GLN A 270 -4.07 -6.37 -9.85
CA GLN A 270 -3.14 -5.25 -9.97
C GLN A 270 -2.58 -4.83 -8.62
N SER A 271 -3.44 -4.66 -7.64
CA SER A 271 -3.01 -4.24 -6.31
C SER A 271 -2.72 -5.51 -5.49
N GLY A 272 -2.77 -5.38 -4.17
CA GLY A 272 -2.59 -6.57 -3.35
C GLY A 272 -3.92 -7.18 -2.96
N ALA A 273 -4.93 -6.35 -2.65
CA ALA A 273 -6.22 -6.86 -2.25
C ALA A 273 -7.26 -5.76 -2.38
N MET A 274 -8.53 -6.17 -2.21
CA MET A 274 -9.66 -5.26 -2.34
C MET A 274 -10.80 -5.76 -1.45
N GLU A 275 -11.57 -4.84 -0.86
CA GLU A 275 -12.44 -5.17 0.25
C GLU A 275 -13.91 -5.38 -0.15
N ASN A 276 -14.21 -5.78 -1.39
CA ASN A 276 -15.61 -5.94 -1.79
C ASN A 276 -16.42 -6.67 -0.72
N TRP A 277 -17.54 -6.06 -0.32
CA TRP A 277 -18.34 -6.53 0.80
C TRP A 277 -18.85 -7.95 0.58
N GLY A 278 -18.37 -8.92 1.38
CA GLY A 278 -18.72 -10.32 1.23
C GLY A 278 -17.86 -11.09 0.26
N LEU A 279 -17.06 -10.41 -0.55
CA LEU A 279 -16.25 -11.10 -1.56
C LEU A 279 -14.94 -10.33 -1.71
N THR A 280 -14.09 -10.45 -0.70
CA THR A 280 -12.79 -9.79 -0.76
C THR A 280 -11.85 -10.55 -1.68
N THR A 281 -11.00 -9.82 -2.40
CA THR A 281 -10.15 -10.37 -3.44
C THR A 281 -8.69 -10.04 -3.14
N TYR A 282 -7.80 -10.89 -3.65
CA TYR A 282 -6.39 -10.84 -3.30
C TYR A 282 -5.53 -11.31 -4.46
N ARG A 283 -4.35 -10.72 -4.58
CA ARG A 283 -3.28 -11.39 -5.31
C ARG A 283 -3.04 -12.74 -4.66
N GLU A 284 -2.72 -13.75 -5.46
CA GLU A 284 -2.37 -15.04 -4.87
C GLU A 284 -1.28 -14.88 -3.82
N SER A 285 -0.28 -14.03 -4.10
CA SER A 285 0.83 -13.91 -3.18
C SER A 285 0.43 -13.21 -1.88
N ALA A 286 -0.71 -12.51 -1.86
CA ALA A 286 -1.11 -11.84 -0.64
C ALA A 286 -2.01 -12.70 0.22
N LEU A 287 -2.34 -13.91 -0.22
CA LEU A 287 -3.32 -14.70 0.50
C LEU A 287 -2.87 -16.12 0.78
N LEU A 288 -2.14 -16.73 -0.17
CA LEU A 288 -1.88 -18.17 -0.09
C LEU A 288 -0.54 -18.46 0.58
N PHE A 289 -0.52 -19.49 1.43
CA PHE A 289 0.61 -19.76 2.31
C PHE A 289 1.02 -21.21 2.18
N ASP A 290 2.31 -21.45 1.93
CA ASP A 290 2.88 -22.79 1.79
C ASP A 290 3.75 -23.02 3.02
N ALA A 291 3.33 -23.95 3.88
CA ALA A 291 4.02 -24.13 5.15
C ALA A 291 5.49 -24.49 4.97
N GLU A 292 5.87 -25.04 3.83
CA GLU A 292 7.26 -25.43 3.63
C GLU A 292 8.10 -24.32 3.01
N LYS A 293 7.49 -23.46 2.20
CA LYS A 293 8.25 -22.54 1.36
C LYS A 293 7.97 -21.07 1.63
N SER A 294 6.89 -20.72 2.32
CA SER A 294 6.57 -19.32 2.52
C SER A 294 7.48 -18.69 3.57
N SER A 295 7.81 -17.43 3.36
CA SER A 295 8.70 -16.68 4.23
C SER A 295 7.97 -16.18 5.47
N ALA A 296 8.76 -15.81 6.47
CA ALA A 296 8.18 -15.13 7.62
C ALA A 296 7.55 -13.82 7.21
N SER A 297 8.20 -13.08 6.31
CA SER A 297 7.59 -11.86 5.78
C SER A 297 6.25 -12.14 5.13
N SER A 298 6.12 -13.29 4.48
CA SER A 298 4.86 -13.65 3.81
C SER A 298 3.74 -13.92 4.81
N LYS A 299 4.04 -14.68 5.87
CA LYS A 299 3.04 -14.92 6.91
C LYS A 299 2.57 -13.60 7.51
N LEU A 300 3.50 -12.73 7.87
CA LEU A 300 3.15 -11.39 8.36
C LEU A 300 2.28 -10.66 7.35
N GLY A 301 2.71 -10.63 6.09
CA GLY A 301 1.98 -9.91 5.08
C GLY A 301 0.57 -10.41 4.87
N ILE A 302 0.39 -11.74 4.87
CA ILE A 302 -0.95 -12.28 4.68
C ILE A 302 -1.84 -11.90 5.85
N THR A 303 -1.31 -12.03 7.06
CA THR A 303 -2.08 -11.72 8.26
C THR A 303 -2.54 -10.27 8.23
N MET A 304 -1.62 -9.34 7.93
CA MET A 304 -1.95 -7.92 7.93
C MET A 304 -2.88 -7.55 6.76
N THR A 305 -2.68 -8.17 5.59
CA THR A 305 -3.57 -7.91 4.46
C THR A 305 -5.00 -8.33 4.79
N VAL A 306 -5.17 -9.53 5.33
CA VAL A 306 -6.51 -9.98 5.74
C VAL A 306 -7.06 -9.06 6.81
N ALA A 307 -6.22 -8.64 7.76
CA ALA A 307 -6.70 -7.72 8.79
C ALA A 307 -7.17 -6.41 8.17
N HIS A 308 -6.45 -5.93 7.16
CA HIS A 308 -6.82 -4.70 6.46
C HIS A 308 -8.16 -4.85 5.74
N GLU A 309 -8.31 -5.92 4.95
CA GLU A 309 -9.55 -6.10 4.20
C GLU A 309 -10.73 -6.26 5.14
N LEU A 310 -10.56 -6.98 6.25
CA LEU A 310 -11.70 -7.16 7.14
C LEU A 310 -11.99 -5.89 7.95
N ALA A 311 -10.96 -5.10 8.27
CA ALA A 311 -11.25 -3.80 8.90
C ALA A 311 -12.13 -2.94 7.99
N HIS A 312 -11.89 -2.99 6.67
CA HIS A 312 -12.68 -2.23 5.72
C HIS A 312 -14.16 -2.58 5.75
N GLN A 313 -14.55 -3.79 6.20
CA GLN A 313 -15.97 -4.10 6.24
C GLN A 313 -16.71 -3.11 7.13
N TRP A 314 -16.02 -2.54 8.12
CA TRP A 314 -16.53 -1.45 8.93
C TRP A 314 -16.07 -0.10 8.41
N PHE A 315 -14.75 0.10 8.26
CA PHE A 315 -14.19 1.36 7.80
C PHE A 315 -14.06 1.35 6.28
N GLY A 316 -15.19 1.60 5.63
CA GLY A 316 -15.18 1.65 4.19
C GLY A 316 -16.48 1.16 3.60
N ASN A 317 -16.98 0.03 4.10
CA ASN A 317 -18.19 -0.57 3.54
C ASN A 317 -19.42 -0.13 4.32
N LEU A 318 -19.44 -0.44 5.61
CA LEU A 318 -20.51 0.05 6.48
C LEU A 318 -20.55 1.57 6.52
N VAL A 319 -19.41 2.21 6.76
CA VAL A 319 -19.29 3.66 6.73
C VAL A 319 -18.30 4.00 5.63
N THR A 320 -18.70 4.87 4.72
CA THR A 320 -17.93 5.20 3.53
C THR A 320 -17.67 6.70 3.48
N MET A 321 -16.49 7.10 3.01
CA MET A 321 -16.29 8.53 2.82
C MET A 321 -17.30 9.07 1.81
N GLU A 322 -17.72 10.32 2.01
CA GLU A 322 -18.69 10.94 1.10
C GLU A 322 -18.10 11.15 -0.29
N TRP A 323 -16.82 11.48 -0.37
CA TRP A 323 -16.16 11.74 -1.64
C TRP A 323 -14.68 11.47 -1.46
N TRP A 324 -13.98 11.26 -2.57
CA TRP A 324 -12.61 10.75 -2.53
C TRP A 324 -11.63 11.74 -1.93
N ASN A 325 -12.01 13.01 -1.77
CA ASN A 325 -11.14 13.94 -1.06
C ASN A 325 -10.89 13.47 0.36
N ASP A 326 -11.79 12.65 0.91
CA ASP A 326 -11.66 12.09 2.26
C ASP A 326 -11.43 10.58 2.26
N LEU A 327 -10.86 10.05 1.17
CA LEU A 327 -10.51 8.64 1.12
C LEU A 327 -9.76 8.17 2.38
N TRP A 328 -8.95 9.02 2.98
CA TRP A 328 -8.20 8.62 4.17
C TRP A 328 -9.08 8.07 5.29
N LEU A 329 -10.36 8.50 5.37
CA LEU A 329 -11.26 7.93 6.36
C LEU A 329 -11.46 6.43 6.15
N ASN A 330 -11.39 5.98 4.90
CA ASN A 330 -11.34 4.55 4.60
C ASN A 330 -9.94 3.98 4.88
N GLU A 331 -8.93 4.53 4.22
CA GLU A 331 -7.64 3.84 4.12
C GLU A 331 -6.74 4.07 5.34
N GLY A 332 -6.75 5.26 5.92
CA GLY A 332 -6.00 5.45 7.15
C GLY A 332 -6.52 4.60 8.28
N PHE A 333 -7.86 4.50 8.40
CA PHE A 333 -8.43 3.68 9.47
C PHE A 333 -8.18 2.19 9.24
N ALA A 334 -8.32 1.70 8.00
CA ALA A 334 -8.07 0.28 7.75
C ALA A 334 -6.63 -0.05 8.04
N LYS A 335 -5.71 0.86 7.69
CA LYS A 335 -4.29 0.62 7.94
C LYS A 335 -4.02 0.61 9.42
N PHE A 336 -4.59 1.55 10.16
CA PHE A 336 -4.41 1.59 11.61
C PHE A 336 -4.98 0.35 12.28
N MET A 337 -6.17 -0.09 11.85
CA MET A 337 -6.81 -1.24 12.47
C MET A 337 -6.03 -2.53 12.24
N GLU A 338 -5.21 -2.62 11.19
CA GLU A 338 -4.31 -3.77 11.04
C GLU A 338 -3.53 -4.01 12.33
N PHE A 339 -2.95 -2.94 12.88
CA PHE A 339 -2.10 -3.04 14.06
C PHE A 339 -2.91 -3.24 15.32
N VAL A 340 -4.06 -2.57 15.43
CA VAL A 340 -4.93 -2.78 16.60
C VAL A 340 -5.37 -4.24 16.66
N SER A 341 -5.84 -4.80 15.54
CA SER A 341 -6.39 -6.15 15.56
C SER A 341 -5.29 -7.21 15.69
N VAL A 342 -4.25 -7.13 14.86
CA VAL A 342 -3.28 -8.20 14.83
C VAL A 342 -2.44 -8.22 16.11
N SER A 343 -2.24 -7.07 16.75
CA SER A 343 -1.52 -7.11 18.03
CA SER A 343 -1.55 -7.05 18.04
C SER A 343 -2.26 -7.94 19.06
N VAL A 344 -3.56 -8.15 18.89
CA VAL A 344 -4.34 -8.98 19.80
C VAL A 344 -4.43 -10.41 19.31
N THR A 345 -4.77 -10.60 18.04
CA THR A 345 -5.02 -11.94 17.52
C THR A 345 -3.75 -12.73 17.25
N HIS A 346 -2.66 -12.08 16.87
CA HIS A 346 -1.40 -12.74 16.58
C HIS A 346 -0.26 -12.07 17.34
N PRO A 347 -0.29 -12.12 18.66
CA PRO A 347 0.72 -11.37 19.42
C PRO A 347 2.14 -11.79 19.10
N GLU A 348 2.36 -13.03 18.67
CA GLU A 348 3.71 -13.48 18.37
C GLU A 348 4.31 -12.69 17.20
N LEU A 349 3.47 -12.05 16.38
CA LEU A 349 3.97 -11.25 15.27
C LEU A 349 4.55 -9.91 15.75
N LYS A 350 4.16 -9.42 16.92
CA LYS A 350 4.68 -8.18 17.48
C LYS A 350 4.57 -7.03 16.48
N VAL A 351 3.39 -6.91 15.85
CA VAL A 351 3.27 -5.94 14.74
C VAL A 351 3.43 -4.53 15.25
N GLY A 352 3.14 -4.28 16.53
CA GLY A 352 3.28 -2.96 17.08
C GLY A 352 4.63 -2.33 16.81
N ASP A 353 5.70 -3.11 16.81
CA ASP A 353 7.03 -2.53 16.64
C ASP A 353 7.31 -2.12 15.20
N TYR A 354 6.53 -2.62 14.24
CA TYR A 354 6.72 -2.23 12.84
C TYR A 354 6.01 -0.94 12.47
N PHE A 355 5.13 -0.43 13.34
CA PHE A 355 4.23 0.64 12.92
C PHE A 355 4.99 1.91 12.56
N PHE A 356 5.85 2.37 13.47
CA PHE A 356 6.51 3.66 13.27
C PHE A 356 7.20 3.74 11.91
N GLY A 357 7.62 2.60 11.35
CA GLY A 357 8.29 2.63 10.06
C GLY A 357 7.41 3.15 8.95
N LYS A 358 6.11 2.88 9.02
CA LYS A 358 5.19 3.45 8.05
C LYS A 358 5.17 4.97 8.13
N CYS A 359 5.21 5.50 9.35
CA CYS A 359 5.23 6.95 9.56
C CYS A 359 6.46 7.58 8.93
N PHE A 360 7.61 6.90 9.01
CA PHE A 360 8.80 7.45 8.36
C PHE A 360 8.70 7.37 6.86
N ASP A 361 8.03 6.34 6.32
CA ASP A 361 7.80 6.32 4.87
C ASP A 361 6.90 7.49 4.46
N ALA A 362 5.83 7.77 5.23
CA ALA A 362 5.00 8.93 4.93
C ALA A 362 5.81 10.22 4.96
N MET A 363 6.70 10.37 5.95
CA MET A 363 7.47 11.59 6.07
C MET A 363 8.40 11.80 4.89
N GLU A 364 8.81 10.72 4.22
CA GLU A 364 9.67 10.84 3.05
C GLU A 364 8.99 11.67 1.96
N VAL A 365 7.73 11.35 1.63
CA VAL A 365 7.03 12.16 0.63
C VAL A 365 6.45 13.44 1.26
N ASP A 366 6.06 13.40 2.53
CA ASP A 366 5.39 14.54 3.13
C ASP A 366 6.33 15.70 3.40
N ALA A 367 7.63 15.48 3.31
CA ALA A 367 8.57 16.59 3.44
C ALA A 367 8.73 17.38 2.16
N LEU A 368 8.08 16.95 1.09
CA LEU A 368 8.24 17.60 -0.20
C LEU A 368 7.14 18.63 -0.41
N ASN A 369 7.48 19.69 -1.14
CA ASN A 369 6.50 20.67 -1.55
C ASN A 369 5.34 20.02 -2.29
N SER A 370 5.61 18.95 -3.04
CA SER A 370 4.60 18.30 -3.85
C SER A 370 3.77 17.29 -3.09
N SER A 371 3.88 17.25 -1.75
CA SER A 371 2.93 16.47 -0.97
C SER A 371 1.59 17.20 -0.98
N HIS A 372 0.57 16.61 -0.37
CA HIS A 372 -0.74 17.22 -0.33
C HIS A 372 -1.33 16.97 1.05
N PRO A 373 -2.27 17.81 1.49
CA PRO A 373 -2.95 17.52 2.76
C PRO A 373 -3.68 16.18 2.71
N VAL A 374 -3.81 15.57 3.89
CA VAL A 374 -4.51 14.28 4.00
C VAL A 374 -5.89 14.37 3.38
N SER A 375 -6.56 15.50 3.57
CA SER A 375 -7.85 15.78 2.97
CA SER A 375 -7.85 15.78 2.96
C SER A 375 -7.65 16.86 1.91
N THR A 376 -7.92 16.52 0.65
CA THR A 376 -7.59 17.49 -0.39
C THR A 376 -8.47 17.23 -1.60
N PRO A 377 -8.80 18.26 -2.37
CA PRO A 377 -9.78 18.12 -3.45
C PRO A 377 -9.29 17.23 -4.59
N VAL A 378 -10.19 16.40 -5.12
CA VAL A 378 -9.95 15.65 -6.34
C VAL A 378 -11.23 15.61 -7.17
N GLU A 379 -11.06 15.40 -8.46
CA GLU A 379 -12.21 15.47 -9.37
C GLU A 379 -12.24 14.32 -10.38
N ASN A 380 -11.17 14.08 -11.10
CA ASN A 380 -11.22 13.10 -12.18
C ASN A 380 -10.62 11.77 -11.75
N PRO A 381 -10.82 10.70 -12.54
CA PRO A 381 -10.37 9.37 -12.09
C PRO A 381 -8.88 9.28 -11.79
N ALA A 382 -8.02 9.90 -12.61
CA ALA A 382 -6.59 9.87 -12.32
C ALA A 382 -6.28 10.50 -10.97
N GLN A 383 -6.81 11.69 -10.70
CA GLN A 383 -6.60 12.32 -9.40
C GLN A 383 -7.11 11.45 -8.26
N ILE A 384 -8.27 10.82 -8.47
CA ILE A 384 -8.82 9.97 -7.42
C ILE A 384 -7.90 8.79 -7.14
N ARG A 385 -7.34 8.18 -8.19
CA ARG A 385 -6.43 7.05 -7.97
C ARG A 385 -5.18 7.50 -7.24
N GLU A 386 -4.74 8.73 -7.49
CA GLU A 386 -3.57 9.27 -6.80
C GLU A 386 -3.76 9.39 -5.30
N MET A 387 -5.00 9.38 -4.82
CA MET A 387 -5.22 9.46 -3.37
C MET A 387 -4.87 8.17 -2.66
N PHE A 388 -4.73 7.06 -3.38
CA PHE A 388 -4.33 5.79 -2.76
C PHE A 388 -2.81 5.77 -2.61
N ASP A 389 -2.32 6.57 -1.66
CA ASP A 389 -0.89 6.83 -1.58
C ASP A 389 -0.45 6.83 -0.11
N ASP A 390 0.84 7.13 0.12
CA ASP A 390 1.39 7.06 1.48
C ASP A 390 0.76 8.10 2.40
N VAL A 391 0.25 9.21 1.86
CA VAL A 391 -0.42 10.18 2.73
C VAL A 391 -1.74 9.60 3.26
N SER A 392 -2.58 9.05 2.37
CA SER A 392 -3.86 8.50 2.80
C SER A 392 -3.68 7.30 3.73
N TYR A 393 -2.83 6.36 3.34
CA TYR A 393 -2.64 5.14 4.12
C TYR A 393 -1.80 5.36 5.37
N ASP A 394 -0.57 5.82 5.18
CA ASP A 394 0.40 5.78 6.26
C ASP A 394 0.34 7.02 7.15
N LYS A 395 0.38 8.22 6.57
CA LYS A 395 0.14 9.40 7.40
C LYS A 395 -1.23 9.31 8.08
N GLY A 396 -2.24 8.84 7.35
CA GLY A 396 -3.56 8.69 7.95
C GLY A 396 -3.52 7.82 9.20
N ALA A 397 -2.91 6.64 9.10
CA ALA A 397 -2.83 5.79 10.27
C ALA A 397 -1.97 6.41 11.36
N CYS A 398 -0.91 7.11 10.97
CA CYS A 398 0.01 7.68 11.95
CA CYS A 398 0.01 7.68 11.95
C CYS A 398 -0.64 8.80 12.75
N ILE A 399 -1.42 9.68 12.10
CA ILE A 399 -2.06 10.73 12.89
C ILE A 399 -3.19 10.15 13.75
N LEU A 400 -3.82 9.06 13.30
CA LEU A 400 -4.80 8.41 14.16
C LEU A 400 -4.13 7.79 15.38
N ASN A 401 -2.98 7.17 15.19
CA ASN A 401 -2.23 6.64 16.35
C ASN A 401 -1.83 7.77 17.29
N MET A 402 -1.35 8.88 16.74
CA MET A 402 -1.03 10.05 17.58
C MET A 402 -2.26 10.52 18.34
N LEU A 403 -3.42 10.57 17.67
CA LEU A 403 -4.63 11.01 18.37
C LEU A 403 -5.06 10.02 19.43
N ARG A 404 -4.97 8.72 19.15
CA ARG A 404 -5.31 7.72 20.15
C ARG A 404 -4.44 7.87 21.39
N GLU A 405 -3.14 8.09 21.21
CA GLU A 405 -2.26 8.31 22.36
C GLU A 405 -2.68 9.56 23.14
N TYR A 406 -3.09 10.60 22.42
CA TYR A 406 -3.42 11.86 23.07
C TYR A 406 -4.72 11.74 23.88
N LEU A 407 -5.72 11.04 23.34
CA LEU A 407 -7.01 10.90 23.98
C LEU A 407 -7.08 9.76 24.98
N SER A 408 -6.20 8.77 24.85
CA SER A 408 -6.27 7.48 25.53
C SER A 408 -7.04 6.49 24.67
N ALA A 409 -6.62 5.24 24.69
CA ALA A 409 -7.27 4.20 23.88
C ALA A 409 -8.77 4.10 24.16
N ASP A 410 -9.18 4.25 25.42
CA ASP A 410 -10.60 4.04 25.75
C ASP A 410 -11.47 5.14 25.16
N ALA A 411 -11.03 6.39 25.23
CA ALA A 411 -11.80 7.49 24.68
C ALA A 411 -11.81 7.42 23.17
N PHE A 412 -10.69 7.02 22.59
CA PHE A 412 -10.60 6.85 21.15
C PHE A 412 -11.53 5.74 20.68
N LYS A 413 -11.51 4.58 21.35
CA LYS A 413 -12.41 3.50 20.96
C LYS A 413 -13.87 3.93 21.07
N SER A 414 -14.23 4.63 22.16
CA SER A 414 -15.62 5.07 22.26
C SER A 414 -15.97 6.00 21.11
N GLY A 415 -15.03 6.86 20.71
CA GLY A 415 -15.29 7.74 19.58
C GLY A 415 -15.57 6.98 18.31
N ILE A 416 -14.72 6.00 17.97
CA ILE A 416 -14.90 5.34 16.68
C ILE A 416 -16.14 4.45 16.69
N VAL A 417 -16.53 3.92 17.85
CA VAL A 417 -17.75 3.12 17.90
C VAL A 417 -18.97 4.01 17.67
N GLN A 418 -19.01 5.17 18.34
CA GLN A 418 -20.12 6.09 18.13
C GLN A 418 -20.16 6.56 16.67
N TYR A 419 -18.99 6.79 16.09
CA TYR A 419 -18.89 7.18 14.69
C TYR A 419 -19.45 6.10 13.77
N LEU A 420 -19.03 4.84 13.97
CA LEU A 420 -19.53 3.75 13.15
C LEU A 420 -21.02 3.52 13.36
N GLN A 421 -21.49 3.59 14.62
CA GLN A 421 -22.91 3.35 14.86
C GLN A 421 -23.76 4.45 14.24
N LYS A 422 -23.36 5.70 14.43
CA LYS A 422 -24.18 6.81 13.96
C LYS A 422 -24.22 6.90 12.45
N HIS A 423 -23.14 6.53 11.76
CA HIS A 423 -23.07 6.69 10.31
C HIS A 423 -23.20 5.38 9.54
N SER A 424 -23.74 4.34 10.17
CA SER A 424 -23.86 3.04 9.51
C SER A 424 -24.73 3.16 8.25
N TYR A 425 -24.22 2.59 7.16
CA TYR A 425 -24.86 2.59 5.84
C TYR A 425 -24.99 3.99 5.26
N LYS A 426 -24.16 4.92 5.72
CA LYS A 426 -24.14 6.27 5.19
C LYS A 426 -22.72 6.69 4.85
N ASN A 427 -22.50 7.99 4.62
CA ASN A 427 -21.21 8.52 4.24
C ASN A 427 -20.80 9.63 5.20
N THR A 428 -19.50 9.78 5.37
CA THR A 428 -18.93 10.70 6.34
C THR A 428 -17.93 11.61 5.65
N LYS A 429 -17.74 12.78 6.27
CA LYS A 429 -16.70 13.75 5.94
C LYS A 429 -15.71 13.83 7.09
N ASN A 430 -14.53 14.39 6.77
CA ASN A 430 -13.52 14.72 7.76
C ASN A 430 -14.14 15.28 9.04
N GLU A 431 -15.06 16.23 8.89
CA GLU A 431 -15.64 16.89 10.06
C GLU A 431 -16.44 15.92 10.92
N ASP A 432 -17.10 14.94 10.31
CA ASP A 432 -17.92 14.00 11.08
C ASP A 432 -17.08 13.19 12.05
N LEU A 433 -15.88 12.78 11.64
CA LEU A 433 -14.99 12.04 12.55
C LEU A 433 -14.64 12.87 13.78
N TRP A 434 -14.22 14.12 13.58
CA TRP A 434 -13.86 14.94 14.74
C TRP A 434 -15.05 15.17 15.66
N ASP A 435 -16.24 15.40 15.09
CA ASP A 435 -17.42 15.58 15.92
C ASP A 435 -17.68 14.36 16.80
N SER A 436 -17.57 13.16 16.21
CA SER A 436 -17.75 11.94 16.99
C SER A 436 -16.67 11.81 18.07
N MET A 437 -15.43 12.18 17.73
CA MET A 437 -14.35 12.03 18.70
C MET A 437 -14.51 13.03 19.83
N ALA A 438 -14.99 14.23 19.53
CA ALA A 438 -15.20 15.25 20.55
C ALA A 438 -16.39 14.93 21.45
N SER A 439 -17.36 14.14 20.98
CA SER A 439 -18.54 13.82 21.77
CA SER A 439 -18.54 13.83 21.77
C SER A 439 -18.21 13.04 23.03
N ILE A 440 -17.02 12.44 23.10
CA ILE A 440 -16.63 11.65 24.25
C ILE A 440 -16.18 12.56 25.40
N VAL A 470 -12.47 18.83 25.04
CA VAL A 470 -11.33 18.52 24.18
C VAL A 470 -11.64 18.96 22.74
N ASP A 471 -10.97 20.01 22.27
CA ASP A 471 -11.17 20.52 20.91
C ASP A 471 -10.34 19.68 19.93
N VAL A 472 -10.84 18.46 19.69
CA VAL A 472 -10.22 17.58 18.72
C VAL A 472 -10.26 18.18 17.34
N LYS A 473 -11.36 18.89 17.02
CA LYS A 473 -11.54 19.37 15.65
C LYS A 473 -10.46 20.37 15.26
N THR A 474 -10.21 21.37 16.11
CA THR A 474 -9.18 22.36 15.80
C THR A 474 -7.82 21.69 15.67
N MET A 475 -7.49 20.80 16.60
CA MET A 475 -6.21 20.09 16.51
C MET A 475 -6.13 19.27 15.24
N MET A 476 -7.11 18.39 15.00
CA MET A 476 -6.96 17.46 13.88
C MET A 476 -7.12 18.16 12.54
N ASN A 477 -7.76 19.33 12.51
CA ASN A 477 -7.74 20.10 11.29
C ASN A 477 -6.33 20.51 10.91
N THR A 478 -5.47 20.81 11.89
CA THR A 478 -4.09 21.15 11.52
C THR A 478 -3.37 19.95 10.90
N TRP A 479 -3.75 18.72 11.27
CA TRP A 479 -3.07 17.53 10.76
C TRP A 479 -3.69 17.00 9.47
N THR A 480 -4.88 17.45 9.08
CA THR A 480 -5.52 16.92 7.88
C THR A 480 -5.75 17.95 6.78
N LEU A 481 -5.68 19.25 7.09
CA LEU A 481 -5.97 20.26 6.07
C LEU A 481 -4.75 21.02 5.59
N GLN A 482 -3.57 20.75 6.13
CA GLN A 482 -2.33 21.26 5.57
C GLN A 482 -1.35 20.11 5.43
N LYS A 483 -0.49 20.21 4.40
CA LYS A 483 0.48 19.16 4.13
C LYS A 483 1.63 19.20 5.16
N GLY A 484 2.45 18.15 5.17
CA GLY A 484 3.70 18.24 5.89
C GLY A 484 3.59 17.99 7.38
N PHE A 485 4.69 18.26 8.08
CA PHE A 485 4.78 18.04 9.51
C PHE A 485 5.76 19.03 10.09
N PRO A 486 5.74 19.24 11.40
CA PRO A 486 6.68 20.18 12.01
C PRO A 486 7.99 19.55 12.42
N LEU A 487 9.01 20.39 12.37
CA LEU A 487 10.22 20.20 13.15
C LEU A 487 10.02 20.87 14.51
N ILE A 488 10.22 20.12 15.58
CA ILE A 488 10.15 20.66 16.94
C ILE A 488 11.58 20.86 17.41
N THR A 489 11.94 22.08 17.73
CA THR A 489 13.29 22.38 18.22
C THR A 489 13.25 22.61 19.73
N ILE A 490 14.13 21.90 20.44
CA ILE A 490 14.20 21.90 21.91
C ILE A 490 15.48 22.60 22.34
N THR A 491 15.35 23.56 23.27
CA THR A 491 16.49 24.32 23.80
C THR A 491 16.34 24.31 25.31
N VAL A 492 17.34 23.78 26.02
CA VAL A 492 17.26 23.62 27.48
C VAL A 492 18.24 24.58 28.13
N ARG A 493 17.75 25.29 29.15
CA ARG A 493 18.58 26.17 29.96
C ARG A 493 18.26 25.76 31.38
N GLY A 494 19.08 24.91 31.99
CA GLY A 494 18.77 24.50 33.36
C GLY A 494 17.53 23.64 33.36
N ARG A 495 16.54 24.03 34.18
CA ARG A 495 15.26 23.33 34.18
C ARG A 495 14.30 23.84 33.12
N ASN A 496 14.66 24.87 32.36
CA ASN A 496 13.73 25.52 31.44
C ASN A 496 13.83 24.88 30.06
N VAL A 497 12.75 24.24 29.60
CA VAL A 497 12.73 23.52 28.33
C VAL A 497 11.91 24.36 27.36
N HIS A 498 12.59 24.98 26.38
CA HIS A 498 11.95 25.79 25.35
C HIS A 498 11.67 24.95 24.11
N MET A 499 10.48 25.14 23.54
CA MET A 499 10.00 24.39 22.40
C MET A 499 9.62 25.37 21.30
N LYS A 500 9.93 25.01 20.06
CA LYS A 500 9.59 25.81 18.91
C LYS A 500 9.12 24.84 17.85
N GLN A 501 8.11 25.23 17.06
CA GLN A 501 7.69 24.44 15.90
C GLN A 501 7.83 25.25 14.63
N GLU A 502 8.19 24.55 13.57
CA GLU A 502 8.26 25.15 12.24
C GLU A 502 8.02 24.04 11.23
N HIS A 503 7.53 24.41 10.06
CA HIS A 503 7.24 23.45 9.01
C HIS A 503 8.54 22.85 8.48
N TYR A 504 8.63 21.52 8.48
CA TYR A 504 9.80 20.82 7.98
C TYR A 504 9.66 20.63 6.47
N MET A 505 10.51 21.31 5.70
CA MET A 505 10.47 21.13 4.25
C MET A 505 11.88 21.11 3.69
N LYS A 506 12.13 20.15 2.80
CA LYS A 506 13.43 20.02 2.17
C LYS A 506 13.55 21.02 1.03
N GLY A 507 14.78 21.46 0.78
CA GLY A 507 15.93 20.97 1.53
C GLY A 507 16.96 22.04 1.89
N ASP A 513 9.44 28.75 4.37
CA ASP A 513 8.72 29.39 5.47
C ASP A 513 7.31 29.80 5.04
N THR A 514 6.36 28.92 5.38
CA THR A 514 4.95 29.08 5.01
C THR A 514 4.08 29.50 6.18
N GLY A 515 4.61 29.57 7.39
CA GLY A 515 3.81 29.89 8.56
C GLY A 515 2.87 28.81 9.03
N TYR A 516 2.99 27.59 8.51
CA TYR A 516 2.18 26.47 9.00
C TYR A 516 2.29 26.36 10.52
N LEU A 517 1.18 26.00 11.17
CA LEU A 517 1.15 25.78 12.61
C LEU A 517 0.26 24.60 12.94
N TRP A 518 0.71 23.76 13.87
CA TRP A 518 -0.03 22.57 14.30
C TRP A 518 -0.33 22.68 15.78
N HIS A 519 -1.36 21.96 16.23
CA HIS A 519 -1.50 21.61 17.64
C HIS A 519 -0.79 20.27 17.85
N VAL A 520 0.40 20.31 18.47
CA VAL A 520 1.28 19.15 18.50
C VAL A 520 1.22 18.55 19.89
N PRO A 521 0.74 17.31 20.03
CA PRO A 521 0.76 16.65 21.35
C PRO A 521 2.13 16.07 21.64
N LEU A 522 3.02 16.89 22.18
CA LEU A 522 4.38 16.45 22.47
C LEU A 522 4.39 15.48 23.65
N THR A 523 5.37 14.59 23.63
CA THR A 523 5.66 13.71 24.75
C THR A 523 7.17 13.73 25.00
N PHE A 524 7.58 13.50 26.25
CA PHE A 524 9.02 13.37 26.49
C PHE A 524 9.30 12.51 27.72
N ILE A 525 10.52 11.96 27.75
CA ILE A 525 11.09 11.33 28.94
C ILE A 525 12.43 12.01 29.22
N THR A 526 12.98 11.74 30.40
CA THR A 526 14.26 12.34 30.80
C THR A 526 15.11 11.31 31.52
N SER A 527 16.36 11.68 31.78
CA SER A 527 17.24 10.82 32.57
C SER A 527 16.72 10.57 33.97
N LYS A 528 15.79 11.39 34.44
CA LYS A 528 15.25 11.27 35.79
C LYS A 528 13.82 10.76 35.85
N SER A 529 13.12 10.61 34.72
CA SER A 529 11.74 10.13 34.73
C SER A 529 11.44 9.42 33.41
N ASP A 530 11.10 8.13 33.45
CA ASP A 530 10.65 7.46 32.23
C ASP A 530 9.13 7.40 32.15
N MET A 531 8.43 8.15 32.98
CA MET A 531 7.03 8.40 32.73
C MET A 531 6.88 9.25 31.47
N VAL A 532 5.87 8.92 30.65
CA VAL A 532 5.65 9.69 29.42
C VAL A 532 4.97 10.99 29.80
N HIS A 533 5.70 12.10 29.71
CA HIS A 533 5.18 13.42 30.01
C HIS A 533 4.60 14.05 28.75
N ARG A 534 3.55 14.85 28.91
CA ARG A 534 2.79 15.36 27.80
CA ARG A 534 2.79 15.36 27.79
C ARG A 534 2.77 16.88 27.83
N PHE A 535 2.79 17.49 26.65
CA PHE A 535 2.71 18.95 26.56
C PHE A 535 2.06 19.27 25.22
N LEU A 536 0.96 20.01 25.23
CA LEU A 536 0.29 20.37 23.98
C LEU A 536 0.85 21.70 23.48
N LEU A 537 1.64 21.64 22.42
CA LEU A 537 2.21 22.84 21.82
C LEU A 537 1.24 23.33 20.75
N LYS A 538 0.62 24.49 21.00
CA LYS A 538 -0.41 25.06 20.14
C LYS A 538 0.06 26.32 19.43
N THR A 539 1.25 26.79 19.75
CA THR A 539 1.78 28.08 19.30
C THR A 539 3.17 27.87 18.71
N LYS A 540 3.71 28.94 18.13
CA LYS A 540 5.04 28.81 17.52
C LYS A 540 6.08 28.45 18.56
N THR A 541 5.98 29.02 19.76
CA THR A 541 6.93 28.74 20.82
C THR A 541 6.19 28.56 22.12
N ASP A 542 6.81 27.86 23.06
CA ASP A 542 6.29 27.70 24.41
C ASP A 542 7.44 27.20 25.28
N VAL A 543 7.17 27.02 26.57
CA VAL A 543 8.21 26.58 27.49
C VAL A 543 7.56 25.72 28.57
N LEU A 544 8.33 24.78 29.12
CA LEU A 544 7.93 24.04 30.31
C LEU A 544 9.12 23.97 31.27
N ILE A 545 8.80 23.79 32.55
CA ILE A 545 9.80 23.83 33.60
C ILE A 545 9.90 22.44 34.20
N LEU A 546 11.07 21.83 34.08
CA LEU A 546 11.31 20.55 34.73
C LEU A 546 11.41 20.70 36.24
N PRO A 547 11.03 19.67 37.01
CA PRO A 547 11.10 19.79 38.47
C PRO A 547 12.53 19.81 38.99
N GLU A 548 13.44 19.14 38.30
CA GLU A 548 14.86 19.07 38.66
C GLU A 548 15.65 18.99 37.37
N GLU A 549 16.90 19.47 37.40
CA GLU A 549 17.74 19.36 36.20
C GLU A 549 18.03 17.89 35.84
N VAL A 550 18.22 17.64 34.55
CA VAL A 550 18.39 16.29 34.03
C VAL A 550 19.65 16.22 33.17
N GLU A 551 20.11 15.00 32.92
CA GLU A 551 21.27 14.81 32.06
C GLU A 551 20.90 14.74 30.59
N TRP A 552 19.68 14.35 30.27
CA TRP A 552 19.21 14.37 28.89
C TRP A 552 17.69 14.37 28.94
N ILE A 553 17.10 14.76 27.81
CA ILE A 553 15.65 14.75 27.62
C ILE A 553 15.42 14.22 26.21
N LYS A 554 14.36 13.44 26.02
CA LYS A 554 14.09 12.84 24.71
C LYS A 554 12.60 12.99 24.41
N PHE A 555 12.29 13.73 23.33
CA PHE A 555 10.92 13.99 22.91
C PHE A 555 10.44 12.94 21.89
N ASN A 556 9.12 12.83 21.76
CA ASN A 556 8.44 11.90 20.87
C ASN A 556 8.67 10.46 21.29
N VAL A 557 8.11 10.12 22.45
CA VAL A 557 8.42 8.86 23.11
C VAL A 557 7.78 7.71 22.36
N GLY A 558 8.60 6.73 21.96
CA GLY A 558 8.14 5.64 21.14
C GLY A 558 7.77 6.03 19.73
N MET A 559 8.13 7.24 19.30
CA MET A 559 7.79 7.75 17.97
CA MET A 559 7.76 7.81 18.00
C MET A 559 6.30 7.56 17.66
N ASN A 560 5.44 7.99 18.59
CA ASN A 560 4.02 7.97 18.32
C ASN A 560 3.49 9.30 17.79
N GLY A 561 4.34 10.31 17.65
CA GLY A 561 3.93 11.62 17.18
C GLY A 561 4.40 11.81 15.74
N TYR A 562 3.59 12.49 14.93
CA TYR A 562 3.94 12.72 13.54
C TYR A 562 4.71 14.04 13.40
N TYR A 563 5.94 14.03 13.92
CA TYR A 563 6.83 15.19 13.92
C TYR A 563 8.24 14.70 14.17
N ILE A 564 9.23 15.56 13.90
CA ILE A 564 10.63 15.24 14.17
C ILE A 564 11.18 16.29 15.14
N VAL A 565 12.33 15.98 15.73
CA VAL A 565 12.84 16.76 16.84
C VAL A 565 14.31 17.09 16.62
N HIS A 566 14.66 18.37 16.80
CA HIS A 566 16.04 18.81 16.83
C HIS A 566 16.36 19.30 18.24
N TYR A 567 17.58 19.04 18.69
CA TYR A 567 18.06 19.48 20.00
C TYR A 567 19.18 20.49 19.80
N GLU A 568 19.01 21.70 20.33
CA GLU A 568 20.07 22.68 20.18
C GLU A 568 21.21 22.41 21.17
N ASP A 569 22.30 23.17 21.00
CA ASP A 569 23.44 23.17 21.95
C ASP A 569 24.02 21.76 22.03
N ASP A 570 24.22 21.20 23.21
CA ASP A 570 24.83 19.89 23.37
C ASP A 570 23.84 18.74 23.20
N GLY A 571 22.62 19.02 22.73
CA GLY A 571 21.59 18.00 22.64
C GLY A 571 22.01 16.74 21.91
N TRP A 572 22.46 16.87 20.65
CA TRP A 572 22.75 15.67 19.88
C TRP A 572 24.01 14.97 20.39
N ASP A 573 24.96 15.72 20.96
CA ASP A 573 26.11 15.08 21.59
C ASP A 573 25.66 14.26 22.80
N SER A 574 24.79 14.85 23.64
CA SER A 574 24.29 14.13 24.81
CA SER A 574 24.29 14.13 24.81
C SER A 574 23.56 12.85 24.41
N LEU A 575 22.68 12.94 23.41
CA LEU A 575 21.94 11.75 23.01
C LEU A 575 22.85 10.75 22.28
N THR A 576 23.82 11.25 21.51
CA THR A 576 24.78 10.32 20.92
C THR A 576 25.55 9.57 22.00
N GLY A 577 25.88 10.25 23.09
CA GLY A 577 26.62 9.59 24.16
C GLY A 577 25.77 8.55 24.86
N LEU A 578 24.50 8.85 25.08
CA LEU A 578 23.58 7.87 25.64
C LEU A 578 23.56 6.60 24.79
N LEU A 579 23.35 6.76 23.48
CA LEU A 579 23.28 5.57 22.63
C LEU A 579 24.58 4.78 22.64
N LYS A 580 25.71 5.46 22.77
CA LYS A 580 26.98 4.75 22.72
C LYS A 580 27.36 4.17 24.07
N GLY A 581 26.88 4.73 25.16
CA GLY A 581 27.15 4.19 26.47
C GLY A 581 26.11 3.15 26.86
N THR A 582 24.90 3.60 27.15
CA THR A 582 23.83 2.76 27.67
C THR A 582 22.64 2.87 26.74
N HIS A 583 22.76 2.29 25.54
CA HIS A 583 21.69 2.51 24.57
C HIS A 583 20.35 1.99 25.06
N THR A 584 20.34 1.03 25.99
CA THR A 584 19.07 0.55 26.49
C THR A 584 18.42 1.52 27.47
N ALA A 585 19.05 2.65 27.78
CA ALA A 585 18.39 3.67 28.58
C ALA A 585 17.13 4.19 27.91
N VAL A 586 17.00 4.05 26.59
CA VAL A 586 15.76 4.33 25.90
C VAL A 586 15.35 3.09 25.10
N SER A 587 14.09 3.08 24.70
CA SER A 587 13.52 1.91 24.04
C SER A 587 14.07 1.77 22.62
N SER A 588 13.96 0.53 22.11
CA SER A 588 14.33 0.23 20.73
C SER A 588 13.76 1.24 19.75
N ASN A 589 12.46 1.52 19.86
CA ASN A 589 11.83 2.43 18.92
C ASN A 589 12.32 3.86 19.12
N ASP A 590 12.63 4.25 20.35
CA ASP A 590 13.24 5.56 20.56
C ASP A 590 14.63 5.64 19.93
N ARG A 591 15.38 4.55 19.96
CA ARG A 591 16.67 4.56 19.26
C ARG A 591 16.47 4.69 17.74
N ALA A 592 15.51 3.96 17.18
CA ALA A 592 15.23 4.11 15.75
C ALA A 592 14.81 5.54 15.43
N SER A 593 14.00 6.17 16.29
CA SER A 593 13.60 7.54 16.00
C SER A 593 14.79 8.48 15.98
N LEU A 594 15.76 8.25 16.87
CA LEU A 594 16.91 9.14 16.91
C LEU A 594 17.74 8.99 15.63
N ILE A 595 17.91 7.75 15.16
CA ILE A 595 18.63 7.49 13.91
C ILE A 595 17.94 8.21 12.76
N ASN A 596 16.64 7.98 12.62
CA ASN A 596 15.90 8.60 11.51
C ASN A 596 15.99 10.12 11.57
N ASN A 597 15.73 10.70 12.74
CA ASN A 597 15.65 12.15 12.82
C ASN A 597 17.01 12.79 12.56
N ALA A 598 18.08 12.16 13.02
CA ALA A 598 19.41 12.73 12.82
C ALA A 598 19.69 12.91 11.34
N PHE A 599 19.36 11.90 10.52
CA PHE A 599 19.62 12.05 9.09
C PHE A 599 18.64 13.01 8.40
N GLN A 600 17.40 13.12 8.89
CA GLN A 600 16.49 14.12 8.34
C GLN A 600 17.01 15.53 8.62
N LEU A 601 17.70 15.70 9.76
CA LEU A 601 18.19 17.04 10.07
C LEU A 601 19.40 17.40 9.23
N VAL A 602 20.13 16.41 8.71
CA VAL A 602 21.21 16.73 7.77
C VAL A 602 20.66 17.45 6.55
N SER A 603 19.51 17.01 6.06
CA SER A 603 19.00 17.53 4.81
C SER A 603 18.60 19.00 4.90
N ILE A 604 18.30 19.50 6.10
CA ILE A 604 17.95 20.91 6.25
C ILE A 604 19.06 21.69 6.98
N GLY A 605 20.26 21.11 7.08
CA GLY A 605 21.38 21.85 7.60
C GLY A 605 21.40 22.06 9.10
N LYS A 606 20.60 21.30 9.87
CA LYS A 606 20.59 21.45 11.32
C LYS A 606 21.60 20.54 12.02
N LEU A 607 22.12 19.54 11.31
CA LEU A 607 23.10 18.61 11.85
C LEU A 607 24.01 18.19 10.71
N SER A 608 25.31 18.09 10.98
CA SER A 608 26.26 17.68 9.95
C SER A 608 26.13 16.20 9.64
N ILE A 609 26.42 15.83 8.40
CA ILE A 609 26.43 14.43 8.02
C ILE A 609 27.44 13.65 8.87
N GLU A 610 28.56 14.28 9.22
CA GLU A 610 29.55 13.63 10.06
C GLU A 610 28.97 13.31 11.43
N LYS A 611 28.16 14.22 11.99
CA LYS A 611 27.60 13.95 13.32
C LYS A 611 26.51 12.88 13.26
N ALA A 612 25.70 12.88 12.21
CA ALA A 612 24.70 11.82 12.08
C ALA A 612 25.36 10.48 11.81
N LEU A 613 26.38 10.45 10.96
CA LEU A 613 27.13 9.21 10.76
C LEU A 613 27.81 8.78 12.07
N ASP A 614 28.32 9.73 12.85
CA ASP A 614 28.91 9.38 14.14
C ASP A 614 27.89 8.71 15.04
N LEU A 615 26.66 9.23 15.05
CA LEU A 615 25.61 8.60 15.85
C LEU A 615 25.34 7.18 15.38
N SER A 616 25.35 6.95 14.05
CA SER A 616 25.02 5.63 13.54
C SER A 616 26.00 4.57 14.01
N LEU A 617 27.20 4.97 14.44
CA LEU A 617 28.22 4.02 14.86
C LEU A 617 27.80 3.21 16.09
N TYR A 618 26.89 3.74 16.91
CA TYR A 618 26.41 2.97 18.06
C TYR A 618 25.81 1.64 17.62
N LEU A 619 25.38 1.52 16.35
CA LEU A 619 24.74 0.30 15.89
C LEU A 619 25.65 -0.91 15.98
N LYS A 620 26.96 -0.74 16.12
CA LYS A 620 27.84 -1.89 16.27
C LYS A 620 27.49 -2.73 17.49
N HIS A 621 26.84 -2.11 18.49
CA HIS A 621 26.39 -2.80 19.69
C HIS A 621 24.88 -3.02 19.72
N GLU A 622 24.18 -2.78 18.61
CA GLU A 622 22.73 -2.93 18.61
C GLU A 622 22.33 -4.35 18.24
N THR A 623 21.16 -4.77 18.75
CA THR A 623 20.66 -6.11 18.50
C THR A 623 19.27 -6.14 17.88
N GLU A 624 18.50 -5.06 17.95
CA GLU A 624 17.07 -5.12 17.76
C GLU A 624 16.68 -4.83 16.33
N ILE A 625 15.75 -5.64 15.81
CA ILE A 625 15.38 -5.53 14.41
C ILE A 625 15.06 -4.09 14.05
N MET A 626 14.32 -3.38 14.91
CA MET A 626 13.84 -2.07 14.48
C MET A 626 14.98 -1.07 14.39
N PRO A 627 15.83 -0.90 15.40
CA PRO A 627 16.94 0.04 15.20
C PRO A 627 17.89 -0.40 14.10
N VAL A 628 18.18 -1.70 13.98
CA VAL A 628 19.06 -2.16 12.91
C VAL A 628 18.41 -1.90 11.55
N PHE A 629 17.13 -2.28 11.40
CA PHE A 629 16.41 -1.99 10.16
CA PHE A 629 16.46 -1.99 10.14
C PHE A 629 16.42 -0.50 9.86
N GLN A 630 16.21 0.32 10.88
CA GLN A 630 16.22 1.77 10.63
C GLN A 630 17.61 2.23 10.19
N GLY A 631 18.66 1.67 10.79
CA GLY A 631 20.00 2.01 10.34
C GLY A 631 20.21 1.66 8.88
N LEU A 632 19.80 0.45 8.48
CA LEU A 632 19.92 0.07 7.08
C LEU A 632 19.10 0.99 6.19
N ASN A 633 17.92 1.39 6.64
CA ASN A 633 17.06 2.22 5.82
C ASN A 633 17.57 3.66 5.71
N GLU A 634 18.43 4.09 6.62
CA GLU A 634 19.07 5.39 6.42
C GLU A 634 20.35 5.30 5.61
N LEU A 635 21.08 4.19 5.70
CA LEU A 635 22.41 4.16 5.11
C LEU A 635 22.40 3.59 3.72
N ILE A 636 21.61 2.56 3.46
CA ILE A 636 21.54 2.01 2.10
C ILE A 636 21.22 3.08 1.06
N PRO A 637 20.23 3.95 1.27
CA PRO A 637 19.93 4.92 0.21
C PRO A 637 21.11 5.80 -0.14
N MET A 638 22.10 5.93 0.75
CA MET A 638 23.27 6.73 0.41
C MET A 638 24.11 6.05 -0.66
N TYR A 639 24.37 4.74 -0.52
CA TYR A 639 25.11 4.13 -1.61
C TYR A 639 24.25 3.86 -2.83
N LYS A 640 22.92 3.81 -2.70
CA LYS A 640 22.10 3.71 -3.92
C LYS A 640 22.25 4.95 -4.79
N LEU A 641 22.45 6.14 -4.18
CA LEU A 641 22.76 7.32 -4.97
C LEU A 641 24.12 7.19 -5.62
N MET A 642 25.13 6.75 -4.84
CA MET A 642 26.47 6.63 -5.39
C MET A 642 26.51 5.65 -6.56
N GLU A 643 25.68 4.61 -6.51
CA GLU A 643 25.73 3.57 -7.55
C GLU A 643 25.43 4.15 -8.93
N LYS A 644 24.64 5.22 -9.00
CA LYS A 644 24.26 5.82 -10.27
C LYS A 644 25.19 6.95 -10.66
N ARG A 645 26.34 7.08 -9.99
CA ARG A 645 27.33 8.10 -10.23
C ARG A 645 28.66 7.41 -10.49
N ASP A 646 29.64 8.20 -10.93
CA ASP A 646 30.99 7.70 -11.11
C ASP A 646 31.71 7.84 -9.77
N MET A 647 31.38 6.94 -8.85
CA MET A 647 31.78 7.05 -7.45
C MET A 647 32.20 5.70 -6.89
N ASN A 648 32.85 4.86 -7.71
CA ASN A 648 33.03 3.47 -7.31
C ASN A 648 33.88 3.35 -6.06
N GLU A 649 34.88 4.22 -5.92
CA GLU A 649 35.78 4.22 -4.77
C GLU A 649 35.02 4.41 -3.46
N VAL A 650 34.27 5.51 -3.35
CA VAL A 650 33.55 5.81 -2.11
C VAL A 650 32.39 4.84 -1.90
N GLU A 651 31.72 4.46 -2.99
CA GLU A 651 30.65 3.46 -2.91
C GLU A 651 31.17 2.17 -2.31
N THR A 652 32.32 1.71 -2.78
CA THR A 652 32.90 0.49 -2.25
C THR A 652 33.29 0.66 -0.78
N GLN A 653 33.91 1.79 -0.44
CA GLN A 653 34.28 2.01 0.95
C GLN A 653 33.06 2.14 1.84
N PHE A 654 31.99 2.78 1.33
CA PHE A 654 30.78 2.91 2.12
C PHE A 654 30.13 1.56 2.40
N LYS A 655 30.01 0.71 1.37
CA LYS A 655 29.49 -0.63 1.58
C LYS A 655 30.36 -1.43 2.53
N ALA A 656 31.68 -1.25 2.48
CA ALA A 656 32.56 -1.96 3.41
C ALA A 656 32.37 -1.46 4.83
N PHE A 657 32.13 -0.16 4.99
CA PHE A 657 31.79 0.39 6.30
C PHE A 657 30.50 -0.23 6.82
N LEU A 658 29.47 -0.29 5.98
CA LEU A 658 28.19 -0.84 6.42
C LEU A 658 28.34 -2.28 6.88
N ILE A 659 29.03 -3.10 6.09
CA ILE A 659 29.26 -4.49 6.48
C ILE A 659 30.05 -4.56 7.77
N ARG A 660 31.06 -3.69 7.92
CA ARG A 660 31.87 -3.74 9.13
C ARG A 660 31.06 -3.30 10.35
N LEU A 661 30.20 -2.30 10.16
CA LEU A 661 29.32 -1.84 11.24
C LEU A 661 28.48 -2.98 11.81
N LEU A 662 27.95 -3.82 10.93
CA LEU A 662 27.02 -4.87 11.32
C LEU A 662 27.66 -6.26 11.33
N ARG A 663 29.00 -6.34 11.28
CA ARG A 663 29.63 -7.64 11.02
C ARG A 663 29.40 -8.62 12.17
N ASP A 664 29.44 -8.15 13.41
CA ASP A 664 29.21 -9.06 14.52
C ASP A 664 27.81 -9.66 14.45
N LEU A 665 26.80 -8.83 14.18
CA LEU A 665 25.44 -9.34 14.01
C LEU A 665 25.35 -10.29 12.82
N ILE A 666 26.03 -9.96 11.72
CA ILE A 666 26.00 -10.83 10.55
C ILE A 666 26.57 -12.19 10.90
N ASP A 667 27.71 -12.21 11.61
CA ASP A 667 28.39 -13.46 11.92
C ASP A 667 27.61 -14.32 12.90
N LYS A 668 26.77 -13.73 13.73
CA LYS A 668 25.97 -14.53 14.65
C LYS A 668 24.76 -15.18 13.99
N GLN A 669 24.37 -14.73 12.79
CA GLN A 669 23.21 -15.30 12.14
C GLN A 669 23.44 -16.77 11.83
N THR A 670 22.46 -17.61 12.14
CA THR A 670 22.49 -19.01 11.73
C THR A 670 21.79 -19.16 10.38
N TRP A 671 22.18 -20.20 9.65
CA TRP A 671 21.62 -20.47 8.34
C TRP A 671 20.48 -21.47 8.46
N THR A 672 19.45 -21.03 9.20
CA THR A 672 18.29 -21.83 9.55
C THR A 672 17.04 -20.97 9.45
N ASP A 673 15.89 -21.57 9.74
CA ASP A 673 14.62 -20.89 9.85
C ASP A 673 14.17 -20.73 11.31
N GLU A 674 15.12 -20.75 12.25
CA GLU A 674 14.77 -20.68 13.67
C GLU A 674 14.38 -19.27 14.10
N GLY A 675 13.63 -19.21 15.19
CA GLY A 675 13.37 -17.97 15.88
C GLY A 675 12.03 -17.35 15.52
N SER A 676 11.85 -16.14 16.04
CA SER A 676 10.62 -15.38 15.83
C SER A 676 10.58 -14.83 14.41
N VAL A 677 9.40 -14.30 14.05
CA VAL A 677 9.25 -13.66 12.75
C VAL A 677 10.23 -12.52 12.62
N SER A 678 10.46 -11.77 13.69
CA SER A 678 11.42 -10.67 13.66
CA SER A 678 11.42 -10.67 13.64
C SER A 678 12.83 -11.20 13.45
N GLU A 679 13.20 -12.23 14.19
CA GLU A 679 14.53 -12.83 14.05
C GLU A 679 14.73 -13.40 12.65
N ARG A 680 13.68 -13.99 12.07
CA ARG A 680 13.81 -14.57 10.73
C ARG A 680 13.94 -13.47 9.66
N MET A 681 13.17 -12.40 9.77
CA MET A 681 13.33 -11.32 8.80
C MET A 681 14.71 -10.69 8.92
N LEU A 682 15.19 -10.48 10.15
CA LEU A 682 16.54 -9.94 10.32
C LEU A 682 17.60 -10.84 9.71
N ARG A 683 17.52 -12.15 9.97
CA ARG A 683 18.47 -13.10 9.37
C ARG A 683 18.48 -12.98 7.86
N SER A 684 17.30 -13.06 7.24
CA SER A 684 17.22 -13.06 5.79
C SER A 684 17.80 -11.78 5.19
N GLN A 685 17.46 -10.63 5.76
CA GLN A 685 17.95 -9.37 5.21
C GLN A 685 19.47 -9.21 5.41
N LEU A 686 20.00 -9.63 6.57
CA LEU A 686 21.44 -9.51 6.80
C LEU A 686 22.24 -10.43 5.89
N LEU A 687 21.79 -11.67 5.70
CA LEU A 687 22.53 -12.57 4.81
C LEU A 687 22.44 -12.08 3.37
N LEU A 688 21.29 -11.56 2.95
CA LEU A 688 21.22 -10.99 1.61
C LEU A 688 22.19 -9.81 1.46
N LEU A 689 22.13 -8.88 2.41
CA LEU A 689 23.02 -7.72 2.37
C LEU A 689 24.47 -8.15 2.25
N ALA A 690 24.90 -9.08 3.10
CA ALA A 690 26.30 -9.46 3.15
C ALA A 690 26.74 -10.12 1.85
N CYS A 691 25.91 -10.98 1.30
CA CYS A 691 26.25 -11.68 0.05
C CYS A 691 26.30 -10.70 -1.12
N VAL A 692 25.28 -9.85 -1.23
CA VAL A 692 25.24 -8.97 -2.39
C VAL A 692 26.42 -8.03 -2.36
N HIS A 693 26.92 -7.68 -1.16
CA HIS A 693 28.10 -6.81 -1.08
C HIS A 693 29.39 -7.61 -0.96
N ASN A 694 29.33 -8.92 -1.22
CA ASN A 694 30.51 -9.76 -1.39
C ASN A 694 31.29 -9.92 -0.09
N TYR A 695 30.57 -10.08 1.03
CA TYR A 695 31.22 -10.52 2.25
C TYR A 695 31.54 -12.00 2.09
N GLN A 696 32.83 -12.35 2.01
CA GLN A 696 33.20 -13.65 1.49
C GLN A 696 32.69 -14.83 2.34
N PRO A 697 32.68 -14.77 3.67
CA PRO A 697 32.08 -15.88 4.42
C PRO A 697 30.67 -16.18 3.99
N CYS A 698 29.84 -15.16 3.78
CA CYS A 698 28.47 -15.34 3.30
CA CYS A 698 28.48 -15.40 3.34
C CYS A 698 28.44 -15.87 1.89
N VAL A 699 29.16 -15.19 0.99
CA VAL A 699 29.17 -15.61 -0.41
C VAL A 699 29.56 -17.08 -0.52
N GLN A 700 30.61 -17.49 0.20
CA GLN A 700 31.09 -18.85 0.04
C GLN A 700 30.04 -19.86 0.51
N ARG A 701 29.36 -19.58 1.60
CA ARG A 701 28.32 -20.47 2.06
CA ARG A 701 28.31 -20.46 2.07
C ARG A 701 27.13 -20.46 1.11
N ALA A 702 26.75 -19.28 0.60
CA ALA A 702 25.65 -19.19 -0.35
C ALA A 702 25.98 -19.92 -1.65
N GLU A 703 27.23 -19.81 -2.11
CA GLU A 703 27.63 -20.53 -3.32
C GLU A 703 27.50 -22.02 -3.13
N GLY A 704 27.90 -22.53 -1.96
CA GLY A 704 27.79 -23.96 -1.71
C GLY A 704 26.36 -24.45 -1.73
N TYR A 705 25.46 -23.70 -1.06
CA TYR A 705 24.05 -24.06 -1.05
C TYR A 705 23.47 -24.01 -2.45
N PHE A 706 23.82 -22.99 -3.24
CA PHE A 706 23.27 -22.92 -4.59
C PHE A 706 23.75 -24.09 -5.44
N ARG A 707 25.05 -24.44 -5.35
CA ARG A 707 25.54 -25.55 -6.15
C ARG A 707 24.84 -26.84 -5.77
N LYS A 708 24.61 -27.05 -4.46
CA LYS A 708 23.89 -28.25 -4.04
C LYS A 708 22.44 -28.20 -4.50
N TRP A 709 21.81 -27.03 -4.42
CA TRP A 709 20.44 -26.91 -4.90
C TRP A 709 20.36 -27.24 -6.38
N LYS A 710 21.30 -26.73 -7.18
CA LYS A 710 21.32 -27.07 -8.60
C LYS A 710 21.63 -28.55 -8.84
N GLU A 711 22.59 -29.12 -8.08
CA GLU A 711 22.91 -30.54 -8.21
CA GLU A 711 22.89 -30.54 -8.26
C GLU A 711 21.70 -31.42 -7.90
N SER A 712 20.84 -30.96 -7.00
CA SER A 712 19.65 -31.70 -6.64
C SER A 712 18.53 -31.57 -7.68
N ASN A 713 18.79 -30.88 -8.79
CA ASN A 713 17.76 -30.53 -9.76
C ASN A 713 16.68 -29.63 -9.16
N GLY A 714 17.06 -28.75 -8.25
CA GLY A 714 16.11 -27.86 -7.61
C GLY A 714 15.19 -28.52 -6.61
N ASN A 715 15.44 -29.77 -6.23
CA ASN A 715 14.60 -30.50 -5.30
C ASN A 715 15.04 -30.35 -3.84
N LEU A 716 16.17 -29.69 -3.59
CA LEU A 716 16.69 -29.55 -2.24
C LEU A 716 15.87 -28.53 -1.46
N SER A 717 15.47 -28.90 -0.26
CA SER A 717 14.78 -27.98 0.62
C SER A 717 15.82 -27.13 1.33
N LEU A 718 15.93 -25.86 0.95
CA LEU A 718 16.76 -24.85 1.61
C LEU A 718 15.98 -24.18 2.73
N PRO A 719 16.66 -23.71 3.78
CA PRO A 719 15.99 -22.82 4.73
C PRO A 719 15.44 -21.63 3.96
N VAL A 720 14.16 -21.34 4.18
CA VAL A 720 13.52 -20.23 3.50
C VAL A 720 14.29 -18.94 3.79
N ASP A 721 14.80 -18.78 5.01
CA ASP A 721 15.41 -17.52 5.38
C ASP A 721 16.74 -17.27 4.70
N VAL A 722 17.41 -18.31 4.18
CA VAL A 722 18.66 -18.09 3.46
C VAL A 722 18.46 -18.09 1.95
N THR A 723 17.25 -18.37 1.46
CA THR A 723 17.08 -18.63 0.04
C THR A 723 17.28 -17.37 -0.79
N LEU A 724 16.83 -16.21 -0.31
CA LEU A 724 17.08 -14.98 -1.07
C LEU A 724 18.55 -14.79 -1.35
N ALA A 725 19.39 -14.93 -0.32
CA ALA A 725 20.82 -14.77 -0.47
C ALA A 725 21.40 -15.83 -1.39
N VAL A 726 20.96 -17.10 -1.22
CA VAL A 726 21.50 -18.17 -2.05
C VAL A 726 21.17 -17.95 -3.52
N PHE A 727 19.91 -17.62 -3.81
CA PHE A 727 19.52 -17.42 -5.20
C PHE A 727 20.18 -16.18 -5.79
N ALA A 728 20.27 -15.09 -5.00
CA ALA A 728 20.87 -13.87 -5.51
C ALA A 728 22.33 -14.10 -5.92
N VAL A 729 23.05 -14.92 -5.16
CA VAL A 729 24.42 -15.27 -5.54
C VAL A 729 24.41 -16.18 -6.75
N GLY A 730 23.52 -17.17 -6.75
CA GLY A 730 23.49 -18.13 -7.85
C GLY A 730 23.18 -17.50 -9.19
N ALA A 731 22.33 -16.46 -9.20
CA ALA A 731 21.89 -15.87 -10.45
C ALA A 731 22.95 -15.02 -11.12
N GLN A 732 24.10 -14.84 -10.46
CA GLN A 732 25.17 -14.03 -11.03
C GLN A 732 25.85 -14.67 -12.22
N SER A 733 25.78 -15.99 -12.37
CA SER A 733 26.31 -16.66 -13.55
C SER A 733 25.19 -16.95 -14.54
N THR A 734 25.57 -17.13 -15.81
CA THR A 734 24.59 -17.50 -16.82
C THR A 734 23.94 -18.84 -16.51
N GLU A 735 24.76 -19.84 -16.16
CA GLU A 735 24.19 -21.16 -15.88
C GLU A 735 23.21 -21.11 -14.71
N GLY A 736 23.57 -20.39 -13.64
CA GLY A 736 22.69 -20.32 -12.48
C GLY A 736 21.42 -19.53 -12.75
N TRP A 737 21.55 -18.39 -13.44
CA TRP A 737 20.37 -17.63 -13.85
C TRP A 737 19.42 -18.51 -14.67
N ASP A 738 19.95 -19.15 -15.71
CA ASP A 738 19.12 -20.00 -16.55
C ASP A 738 18.46 -21.11 -15.75
N PHE A 739 19.19 -21.70 -14.80
CA PHE A 739 18.58 -22.76 -14.01
C PHE A 739 17.48 -22.22 -13.11
N LEU A 740 17.72 -21.09 -12.44
CA LEU A 740 16.68 -20.47 -11.64
C LEU A 740 15.45 -20.17 -12.48
N TYR A 741 15.64 -19.57 -13.65
CA TYR A 741 14.47 -19.25 -14.46
C TYR A 741 13.71 -20.51 -14.81
N SER A 742 14.41 -21.62 -15.11
CA SER A 742 13.73 -22.84 -15.51
C SER A 742 12.84 -23.40 -14.40
N LYS A 743 13.15 -23.14 -13.14
CA LYS A 743 12.31 -23.60 -12.06
C LYS A 743 11.13 -22.68 -11.77
N TYR A 744 11.20 -21.43 -12.22
CA TYR A 744 10.12 -20.49 -12.01
C TYR A 744 8.83 -20.95 -12.66
N GLN A 745 8.93 -21.56 -13.85
CA GLN A 745 7.75 -21.98 -14.60
C GLN A 745 6.82 -22.84 -13.75
N PHE A 746 7.38 -23.80 -13.02
CA PHE A 746 6.59 -24.84 -12.40
C PHE A 746 6.31 -24.60 -10.93
N SER A 747 6.79 -23.51 -10.36
CA SER A 747 6.60 -23.29 -8.94
C SER A 747 5.17 -22.86 -8.66
N LEU A 748 4.58 -23.45 -7.63
CA LEU A 748 3.28 -23.04 -7.10
C LEU A 748 3.41 -22.16 -5.86
N SER A 749 4.63 -21.81 -5.47
CA SER A 749 4.89 -21.06 -4.24
C SER A 749 5.10 -19.58 -4.57
N SER A 750 4.29 -18.73 -3.95
CA SER A 750 4.46 -17.30 -4.19
C SER A 750 5.80 -16.80 -3.66
N THR A 751 6.22 -17.29 -2.48
CA THR A 751 7.50 -16.85 -1.94
C THR A 751 8.64 -17.26 -2.84
N GLU A 752 8.63 -18.52 -3.31
CA GLU A 752 9.73 -18.99 -4.13
C GLU A 752 9.81 -18.23 -5.44
N LYS A 753 8.66 -17.99 -6.06
CA LYS A 753 8.65 -17.19 -7.28
C LYS A 753 9.14 -15.76 -7.02
N SER A 754 8.73 -15.18 -5.89
CA SER A 754 9.20 -13.85 -5.53
CA SER A 754 9.21 -13.85 -5.54
C SER A 754 10.71 -13.85 -5.29
N GLN A 755 11.22 -14.89 -4.63
CA GLN A 755 12.66 -14.97 -4.39
C GLN A 755 13.40 -15.17 -5.70
N ILE A 756 12.85 -15.98 -6.61
CA ILE A 756 13.53 -16.16 -7.89
C ILE A 756 13.53 -14.86 -8.68
N GLU A 757 12.38 -14.18 -8.73
CA GLU A 757 12.30 -12.90 -9.44
C GLU A 757 13.34 -11.92 -8.91
N PHE A 758 13.45 -11.80 -7.60
CA PHE A 758 14.41 -10.88 -7.05
C PHE A 758 15.81 -11.24 -7.53
N ALA A 759 16.17 -12.51 -7.44
CA ALA A 759 17.51 -12.93 -7.81
C ALA A 759 17.78 -12.68 -9.29
N LEU A 760 16.83 -13.02 -10.15
CA LEU A 760 17.04 -12.83 -11.59
C LEU A 760 17.26 -11.35 -11.92
N CYS A 761 16.59 -10.45 -11.19
CA CYS A 761 16.72 -9.01 -11.37
C CYS A 761 18.04 -8.46 -10.86
N ARG A 762 18.85 -9.26 -10.17
CA ARG A 762 20.11 -8.79 -9.61
C ARG A 762 21.30 -9.08 -10.50
N THR A 763 21.11 -9.83 -11.59
CA THR A 763 22.25 -10.16 -12.44
C THR A 763 22.85 -8.88 -13.03
N GLN A 764 24.14 -8.95 -13.32
CA GLN A 764 24.80 -7.87 -14.04
C GLN A 764 24.77 -8.06 -15.55
N ASN A 765 24.11 -9.12 -16.01
CA ASN A 765 24.02 -9.43 -17.43
C ASN A 765 22.88 -8.61 -18.02
N LYS A 766 23.23 -7.56 -18.79
CA LYS A 766 22.22 -6.66 -19.30
C LYS A 766 21.25 -7.35 -20.25
N GLU A 767 21.70 -8.35 -21.01
CA GLU A 767 20.79 -9.01 -21.93
C GLU A 767 19.70 -9.77 -21.19
N LYS A 768 20.05 -10.38 -20.05
CA LYS A 768 19.06 -11.01 -19.20
C LYS A 768 18.10 -10.00 -18.58
N LEU A 769 18.63 -8.86 -18.10
CA LEU A 769 17.74 -7.83 -17.57
C LEU A 769 16.75 -7.35 -18.64
N GLN A 770 17.23 -7.12 -19.86
CA GLN A 770 16.33 -6.66 -20.90
C GLN A 770 15.25 -7.70 -21.18
N TRP A 771 15.62 -8.99 -21.12
CA TRP A 771 14.69 -10.09 -21.36
C TRP A 771 13.58 -10.12 -20.31
N LEU A 772 13.94 -9.93 -19.04
CA LEU A 772 12.92 -9.89 -18.00
C LEU A 772 11.92 -8.78 -18.24
N LEU A 773 12.41 -7.60 -18.61
CA LEU A 773 11.50 -6.50 -18.90
C LEU A 773 10.58 -6.87 -20.05
N ASP A 774 11.13 -7.42 -21.12
CA ASP A 774 10.34 -7.72 -22.30
C ASP A 774 9.29 -8.79 -22.02
N GLU A 775 9.67 -9.82 -21.27
CA GLU A 775 8.78 -10.96 -21.05
C GLU A 775 7.69 -10.67 -20.04
N SER A 776 7.99 -9.92 -18.97
CA SER A 776 6.92 -9.57 -18.04
C SER A 776 6.04 -8.47 -18.63
N PHE A 777 6.60 -7.61 -19.48
CA PHE A 777 5.75 -6.70 -20.23
C PHE A 777 4.75 -7.47 -21.08
N LYS A 778 5.21 -8.54 -21.75
CA LYS A 778 4.35 -9.33 -22.62
C LYS A 778 3.35 -10.16 -21.84
N GLY A 779 3.77 -10.69 -20.70
CA GLY A 779 2.85 -11.34 -19.77
C GLY A 779 2.68 -12.83 -19.97
N ASP A 780 3.47 -13.47 -20.83
CA ASP A 780 3.31 -14.91 -21.07
C ASP A 780 4.19 -15.75 -20.15
N LYS A 781 5.50 -15.54 -20.20
CA LYS A 781 6.41 -16.30 -19.35
C LYS A 781 6.42 -15.80 -17.92
N ILE A 782 6.23 -14.49 -17.72
CA ILE A 782 6.10 -13.88 -16.41
C ILE A 782 4.87 -13.00 -16.48
N LYS A 783 4.02 -13.05 -15.45
CA LYS A 783 2.75 -12.37 -15.55
C LYS A 783 2.96 -10.86 -15.49
N THR A 784 2.13 -10.11 -16.21
CA THR A 784 2.28 -8.66 -16.23
C THR A 784 2.04 -8.04 -14.85
N GLN A 785 1.33 -8.70 -13.94
CA GLN A 785 1.17 -8.17 -12.60
C GLN A 785 2.50 -8.05 -11.86
N GLU A 786 3.53 -8.76 -12.31
CA GLU A 786 4.86 -8.65 -11.72
C GLU A 786 5.70 -7.54 -12.34
N PHE A 787 5.25 -6.97 -13.46
CA PHE A 787 6.11 -6.03 -14.19
C PHE A 787 6.49 -4.83 -13.36
N PRO A 788 5.57 -4.17 -12.62
CA PRO A 788 6.00 -2.99 -11.87
C PRO A 788 7.09 -3.31 -10.88
N GLN A 789 7.05 -4.49 -10.25
CA GLN A 789 8.12 -4.82 -9.30
C GLN A 789 9.41 -5.15 -10.02
N ILE A 790 9.32 -5.86 -11.15
CA ILE A 790 10.52 -6.17 -11.92
C ILE A 790 11.16 -4.89 -12.45
N LEU A 791 10.35 -3.98 -12.99
CA LEU A 791 10.92 -2.71 -13.45
C LEU A 791 11.66 -1.99 -12.34
N THR A 792 11.07 -1.93 -11.14
CA THR A 792 11.69 -1.21 -10.04
C THR A 792 12.96 -1.91 -9.57
N LEU A 793 12.92 -3.24 -9.46
CA LEU A 793 14.11 -3.97 -9.03
C LEU A 793 15.26 -3.75 -10.00
N ILE A 794 14.96 -3.72 -11.30
CA ILE A 794 16.02 -3.48 -12.26
C ILE A 794 16.45 -2.03 -12.20
N GLY A 795 15.52 -1.12 -11.94
CA GLY A 795 15.86 0.27 -11.67
C GLY A 795 16.81 0.45 -10.50
N ARG A 796 16.75 -0.44 -9.51
CA ARG A 796 17.68 -0.39 -8.39
C ARG A 796 18.94 -1.21 -8.63
N ASN A 797 19.00 -1.94 -9.72
CA ASN A 797 20.17 -2.76 -10.02
C ASN A 797 21.34 -1.85 -10.39
N PRO A 798 22.51 -2.02 -9.77
CA PRO A 798 23.62 -1.07 -10.00
C PRO A 798 24.06 -0.96 -11.45
N VAL A 799 23.86 -1.99 -12.27
CA VAL A 799 24.14 -1.89 -13.70
C VAL A 799 22.90 -1.86 -14.56
N GLY A 800 21.73 -2.15 -14.02
CA GLY A 800 20.54 -2.22 -14.84
C GLY A 800 19.71 -0.95 -14.88
N TYR A 801 20.02 0.02 -14.00
CA TYR A 801 19.11 1.16 -13.85
C TYR A 801 18.93 1.97 -15.12
N PRO A 802 19.94 2.14 -16.00
CA PRO A 802 19.64 2.83 -17.26
C PRO A 802 18.62 2.10 -18.10
N LEU A 803 18.61 0.76 -18.06
CA LEU A 803 17.71 -0.02 -18.91
C LEU A 803 16.26 0.17 -18.49
N ALA A 804 16.03 0.29 -17.19
CA ALA A 804 14.67 0.37 -16.67
C ALA A 804 14.04 1.72 -17.00
N TRP A 805 14.76 2.80 -16.71
CA TRP A 805 14.31 4.14 -17.09
C TRP A 805 14.08 4.21 -18.59
N GLN A 806 14.98 3.64 -19.38
CA GLN A 806 14.78 3.61 -20.82
C GLN A 806 13.51 2.84 -21.19
N PHE A 807 13.30 1.69 -20.57
CA PHE A 807 12.13 0.87 -20.87
C PHE A 807 10.85 1.62 -20.56
N LEU A 808 10.81 2.33 -19.42
CA LEU A 808 9.64 3.12 -19.06
C LEU A 808 9.35 4.19 -20.09
N ARG A 809 10.38 4.94 -20.51
CA ARG A 809 10.15 5.97 -21.52
C ARG A 809 9.63 5.38 -22.80
N LYS A 810 10.22 4.25 -23.25
CA LYS A 810 9.90 3.73 -24.59
C LYS A 810 8.53 3.08 -24.64
N ASN A 811 8.04 2.58 -23.50
CA ASN A 811 6.81 1.79 -23.47
C ASN A 811 5.73 2.47 -22.63
N TRP A 812 5.88 3.77 -22.39
CA TRP A 812 5.00 4.52 -21.51
C TRP A 812 3.53 4.33 -21.87
N ASN A 813 3.20 4.51 -23.16
CA ASN A 813 1.79 4.54 -23.53
C ASN A 813 1.11 3.23 -23.24
N LYS A 814 1.77 2.10 -23.53
CA LYS A 814 1.15 0.81 -23.27
C LYS A 814 1.06 0.55 -21.77
N LEU A 815 2.07 1.00 -21.02
CA LEU A 815 2.03 0.78 -19.58
C LEU A 815 0.92 1.59 -18.92
N VAL A 816 0.72 2.82 -19.37
CA VAL A 816 -0.41 3.62 -18.90
C VAL A 816 -1.74 2.94 -19.25
N GLN A 817 -1.85 2.40 -20.46
CA GLN A 817 -3.10 1.75 -20.86
C GLN A 817 -3.42 0.54 -19.98
N LYS A 818 -2.39 -0.20 -19.57
CA LYS A 818 -2.57 -1.40 -18.74
C LYS A 818 -2.90 -1.05 -17.30
N PHE A 819 -2.19 -0.05 -16.74
CA PHE A 819 -2.19 0.18 -15.29
C PHE A 819 -2.93 1.46 -14.86
N GLU A 820 -3.06 2.44 -15.75
CA GLU A 820 -3.83 3.67 -15.59
C GLU A 820 -3.04 4.81 -14.97
N LEU A 821 -3.22 6.00 -15.54
CA LEU A 821 -2.66 7.20 -14.97
C LEU A 821 -3.20 7.41 -13.55
N GLY A 822 -2.31 7.76 -12.64
CA GLY A 822 -2.67 7.96 -11.26
C GLY A 822 -2.59 6.72 -10.41
N SER A 823 -2.50 5.53 -11.02
CA SER A 823 -2.42 4.31 -10.26
C SER A 823 -1.18 4.31 -9.39
N SER A 824 -1.28 3.59 -8.28
CA SER A 824 -0.09 3.33 -7.47
C SER A 824 0.99 2.61 -8.27
N SER A 825 0.58 1.74 -9.20
CA SER A 825 1.54 1.00 -10.02
C SER A 825 2.37 1.94 -10.89
N ILE A 826 1.72 2.91 -11.54
CA ILE A 826 2.47 3.84 -12.37
C ILE A 826 3.38 4.69 -11.50
N ALA A 827 2.88 5.14 -10.35
CA ALA A 827 3.71 5.91 -9.43
C ALA A 827 4.93 5.13 -8.98
N HIS A 828 4.76 3.83 -8.70
CA HIS A 828 5.88 2.98 -8.29
C HIS A 828 6.91 2.87 -9.41
N MET A 829 6.44 2.74 -10.66
CA MET A 829 7.37 2.65 -11.78
C MET A 829 8.09 3.97 -12.01
N VAL A 830 7.38 5.09 -11.88
CA VAL A 830 8.02 6.39 -12.05
C VAL A 830 9.09 6.60 -10.98
N MET A 831 8.72 6.42 -9.72
CA MET A 831 9.70 6.67 -8.67
C MET A 831 10.82 5.62 -8.68
N GLY A 832 10.48 4.37 -8.97
CA GLY A 832 11.48 3.32 -8.86
C GLY A 832 12.53 3.34 -9.94
N THR A 833 12.26 4.03 -11.06
CA THR A 833 13.27 4.14 -12.11
C THR A 833 14.02 5.48 -12.05
N THR A 834 13.55 6.45 -11.26
CA THR A 834 14.12 7.80 -11.35
C THR A 834 14.51 8.43 -10.03
N ASN A 835 13.96 8.01 -8.90
CA ASN A 835 14.12 8.86 -7.72
C ASN A 835 15.45 8.63 -6.99
N GLN A 836 16.39 7.89 -7.59
CA GLN A 836 17.76 7.80 -7.05
C GLN A 836 18.78 8.48 -7.97
N PHE A 837 18.32 9.21 -8.99
CA PHE A 837 19.24 10.04 -9.77
C PHE A 837 19.65 11.28 -8.97
N SER A 838 20.84 11.82 -9.29
CA SER A 838 21.34 12.94 -8.50
C SER A 838 22.23 13.88 -9.33
N THR A 839 22.01 13.94 -10.63
CA THR A 839 22.73 14.87 -11.50
C THR A 839 21.73 15.78 -12.22
N ARG A 840 22.20 16.97 -12.58
CA ARG A 840 21.36 17.89 -13.33
C ARG A 840 21.00 17.30 -14.68
N THR A 841 21.87 16.48 -15.27
CA THR A 841 21.54 15.87 -16.56
C THR A 841 20.39 14.88 -16.41
N ARG A 842 20.40 14.07 -15.36
CA ARG A 842 19.29 13.15 -15.13
C ARG A 842 18.02 13.91 -14.81
N LEU A 843 18.12 14.98 -14.02
CA LEU A 843 16.94 15.78 -13.71
C LEU A 843 16.28 16.28 -14.99
N GLU A 844 17.07 16.76 -15.95
CA GLU A 844 16.45 17.25 -17.17
C GLU A 844 15.84 16.12 -18.00
N GLU A 845 16.45 14.94 -18.00
CA GLU A 845 15.82 13.80 -18.67
C GLU A 845 14.41 13.60 -18.15
N VAL A 846 14.26 13.66 -16.83
CA VAL A 846 12.97 13.39 -16.23
C VAL A 846 12.00 14.53 -16.52
N LYS A 847 12.43 15.78 -16.25
CA LYS A 847 11.59 16.92 -16.58
C LYS A 847 11.19 16.92 -18.04
N GLY A 848 12.16 16.71 -18.94
CA GLY A 848 11.87 16.79 -20.37
C GLY A 848 10.96 15.67 -20.84
N PHE A 849 11.18 14.44 -20.34
CA PHE A 849 10.33 13.33 -20.78
C PHE A 849 8.89 13.53 -20.33
N PHE A 850 8.67 13.78 -19.03
CA PHE A 850 7.29 13.87 -18.58
C PHE A 850 6.60 15.14 -19.10
N SER A 851 7.35 16.24 -19.26
CA SER A 851 6.81 17.42 -19.94
C SER A 851 6.21 17.07 -21.29
N SER A 852 6.88 16.21 -22.05
CA SER A 852 6.44 15.95 -23.41
C SER A 852 5.14 15.17 -23.47
N LEU A 853 4.68 14.59 -22.36
CA LEU A 853 3.51 13.73 -22.37
C LEU A 853 2.20 14.51 -22.38
N LYS A 854 2.23 15.80 -22.05
CA LYS A 854 1.03 16.62 -22.08
C LYS A 854 -0.07 15.99 -21.23
N GLU A 855 -1.19 15.67 -21.86
CA GLU A 855 -2.33 15.12 -21.14
C GLU A 855 -2.09 13.68 -20.69
N ASN A 856 -1.13 12.98 -21.28
CA ASN A 856 -0.89 11.59 -20.91
C ASN A 856 0.20 11.45 -19.86
N GLY A 857 0.26 12.35 -18.87
CA GLY A 857 1.13 12.12 -17.73
C GLY A 857 1.89 13.29 -17.16
N SER A 858 1.97 14.41 -17.90
CA SER A 858 2.80 15.52 -17.45
C SER A 858 2.38 16.07 -16.10
N GLN A 859 1.09 15.92 -15.75
CA GLN A 859 0.55 16.46 -14.51
C GLN A 859 0.49 15.45 -13.36
N LEU A 860 1.10 14.26 -13.51
CA LEU A 860 1.07 13.28 -12.43
C LEU A 860 1.74 13.84 -11.17
N ARG A 861 1.12 13.59 -10.02
CA ARG A 861 1.79 13.99 -8.78
C ARG A 861 3.09 13.23 -8.59
N CYS A 862 3.13 11.94 -8.98
CA CYS A 862 4.37 11.22 -8.70
C CYS A 862 5.50 11.82 -9.54
N VAL A 863 5.17 12.48 -10.65
CA VAL A 863 6.21 13.10 -11.46
C VAL A 863 6.80 14.32 -10.75
N GLN A 864 5.95 15.18 -10.20
CA GLN A 864 6.47 16.32 -9.44
C GLN A 864 7.26 15.85 -8.22
N GLN A 865 6.77 14.79 -7.56
CA GLN A 865 7.47 14.23 -6.41
C GLN A 865 8.84 13.70 -6.78
N THR A 866 8.96 12.98 -7.91
CA THR A 866 10.26 12.45 -8.29
CA THR A 866 10.27 12.45 -8.24
C THR A 866 11.22 13.56 -8.68
N ILE A 867 10.72 14.58 -9.40
CA ILE A 867 11.52 15.75 -9.75
C ILE A 867 12.07 16.42 -8.50
N GLU A 868 11.21 16.67 -7.52
CA GLU A 868 11.68 17.33 -6.32
C GLU A 868 12.65 16.45 -5.56
N THR A 869 12.46 15.13 -5.60
CA THR A 869 13.39 14.22 -4.96
C THR A 869 14.76 14.30 -5.61
N ILE A 870 14.80 14.31 -6.95
CA ILE A 870 16.09 14.38 -7.62
C ILE A 870 16.75 15.71 -7.31
N GLU A 871 15.97 16.81 -7.29
CA GLU A 871 16.53 18.10 -6.91
C GLU A 871 17.20 18.04 -5.54
N GLU A 872 16.56 17.37 -4.58
CA GLU A 872 17.15 17.23 -3.25
C GLU A 872 18.38 16.33 -3.29
N ASN A 873 18.33 15.22 -4.05
CA ASN A 873 19.50 14.36 -4.20
C ASN A 873 20.69 15.14 -4.73
N ILE A 874 20.46 15.99 -5.74
CA ILE A 874 21.54 16.79 -6.29
C ILE A 874 22.17 17.66 -5.20
N GLY A 875 21.34 18.41 -4.49
CA GLY A 875 21.87 19.27 -3.44
C GLY A 875 22.54 18.49 -2.33
N TRP A 876 21.93 17.35 -1.94
CA TRP A 876 22.47 16.56 -0.84
C TRP A 876 23.81 15.96 -1.22
N MET A 877 23.92 15.42 -2.43
CA MET A 877 25.19 14.84 -2.84
C MET A 877 26.24 15.91 -3.05
N ASP A 878 25.85 17.05 -3.63
CA ASP A 878 26.81 18.11 -3.87
C ASP A 878 27.42 18.58 -2.56
N LYS A 879 26.62 18.59 -1.49
CA LYS A 879 27.12 19.11 -0.22
C LYS A 879 27.87 18.05 0.56
N ASN A 880 27.40 16.80 0.52
CA ASN A 880 27.82 15.79 1.48
C ASN A 880 28.76 14.73 0.92
N PHE A 881 28.95 14.63 -0.40
CA PHE A 881 29.74 13.50 -0.91
C PHE A 881 31.19 13.56 -0.42
N ASP A 882 31.85 14.70 -0.57
CA ASP A 882 33.23 14.81 -0.09
C ASP A 882 33.31 14.70 1.43
N LYS A 883 32.28 15.16 2.13
CA LYS A 883 32.27 14.97 3.59
C LYS A 883 32.24 13.49 3.95
N ILE A 884 31.42 12.71 3.24
CA ILE A 884 31.36 11.28 3.46
C ILE A 884 32.67 10.61 3.10
N ARG A 885 33.26 10.99 1.95
CA ARG A 885 34.53 10.41 1.54
C ARG A 885 35.58 10.59 2.64
N VAL A 886 35.67 11.81 3.19
CA VAL A 886 36.65 12.09 4.23
C VAL A 886 36.30 11.34 5.51
N TRP A 887 35.01 11.31 5.86
CA TRP A 887 34.58 10.61 7.07
C TRP A 887 34.95 9.13 7.00
N LEU A 888 34.82 8.53 5.82
CA LEU A 888 35.14 7.11 5.68
C LEU A 888 36.64 6.87 5.83
N GLN A 889 37.47 7.75 5.29
CA GLN A 889 38.91 7.59 5.45
C GLN A 889 39.32 7.79 6.90
N SER A 890 38.93 8.91 7.50
CA SER A 890 39.13 9.11 8.93
C SER A 890 38.59 7.93 9.71
N GLU A 891 37.46 7.39 9.27
CA GLU A 891 36.82 6.26 9.90
C GLU A 891 37.81 5.14 10.20
N LYS A 892 38.51 5.25 11.33
CA LYS A 892 39.30 4.16 11.87
C LYS A 892 38.57 3.40 12.97
N LEU A 893 37.55 4.01 13.56
CA LEU A 893 36.74 3.32 14.56
C LEU A 893 36.07 2.08 13.97
N ARG A 894 35.48 2.22 12.79
CA ARG A 894 34.86 1.10 12.07
C ARG A 894 33.53 0.69 12.72
N ARG B 2 -2.09 -1.81 -1.20
CA ARG B 2 -1.02 -1.90 -2.15
C ARG B 2 -0.08 -3.06 -1.85
N ILE B 3 0.57 -3.56 -2.92
CA ILE B 3 1.60 -4.57 -2.75
C ILE B 3 2.97 -3.94 -2.56
N GLN B 4 3.06 -2.61 -2.54
CA GLN B 4 4.31 -1.90 -2.26
C GLN B 4 5.42 -2.30 -3.24
N ARG B 9 10.83 -12.60 2.30
CA ARG B 9 10.12 -13.14 1.15
C ARG B 9 10.51 -12.42 -0.12
N ALA B 10 9.75 -4.39 4.31
N ALA B 10 11.80 -12.22 -0.30
CA ALA B 10 10.29 -3.69 5.47
CA ALA B 10 12.27 -11.36 -1.38
C ALA B 10 11.59 -2.96 5.14
C ALA B 10 12.02 -9.91 -1.02
N PHE B 11 12.08 -3.12 3.90
N PHE B 11 12.77 -9.02 -1.62
CA PHE B 11 13.41 -2.65 3.56
CA PHE B 11 13.04 -7.71 -1.03
C PHE B 11 13.44 -1.93 2.22
C PHE B 11 13.20 -6.70 -2.16
N VAL B 12 14.28 -0.89 2.15
N VAL B 12 13.44 -5.43 -1.82
CA VAL B 12 14.67 -0.34 0.86
CA VAL B 12 13.34 -4.43 -2.88
C VAL B 12 15.46 -1.41 0.11
C VAL B 12 14.19 -3.16 -2.71
N THR B 13 15.30 -1.43 -1.22
N THR B 13 15.18 -3.16 -1.81
CA THR B 13 16.03 -2.40 -2.02
CA THR B 13 15.95 -1.93 -1.67
C THR B 13 17.54 -2.23 -1.83
C THR B 13 17.47 -2.07 -1.63
N ILE B 14 18.23 -3.33 -1.60
N ILE B 14 18.03 -3.26 -1.40
CA ILE B 14 19.65 -3.28 -1.27
CA ILE B 14 19.48 -3.35 -1.25
C ILE B 14 20.48 -2.85 -2.48
C ILE B 14 20.18 -2.97 -2.56
#